data_7CJQ
#
_entry.id   7CJQ
#
_cell.length_a   89.167
_cell.length_b   92.837
_cell.length_c   119.244
_cell.angle_alpha   90.000
_cell.angle_beta   90.000
_cell.angle_gamma   90.000
#
_symmetry.space_group_name_H-M   'P 21 21 21'
#
loop_
_entity.id
_entity.type
_entity.pdbx_description
1 polymer 'MHC class I DLA-88'
2 polymer Beta-2-microglobulin
3 polymer ARG-THR-ILE-SER-TYR-THR-TYR-PRO-PHE
4 water water
#
loop_
_entity_poly.entity_id
_entity_poly.type
_entity_poly.pdbx_seq_one_letter_code
_entity_poly.pdbx_strand_id
1 'polypeptide(L)'
;GSHSLRYFYTSVSRPGRGDPRFIAVGYVDDTQFVRFDSDAATGRMEPRAPWMEQEGPEYWDRETRTVKETAQRYRVDLDT
LRGYYNQSEAGSHTRQTMYGCDLGPGGRLLRGYSQDAYDGADYIALNEDLRSWTAADTAAQITRRKWEAAGTAEHDRNYL
ETTCVEWLRRYLEMGKETLLRAEPPSTRVTRHPISDHEVTLRCWALGFYPAEITLTWQRDGEDQTQDTEVVDTRPAGDGT
FQKWAAVVVPSGQEQRYTCHVQHEGLAEPVTRRWE
;
A,D
2 'polypeptide(L)'
;MVQHPPKIQVYSRHPAENGKPNFLNCYVSGFHPPEIEIDLLKNGKEMKAEQTDLSFSKDWTFYLLVHTEFTPNEQDEFSC
RVKHVTLSEPQIVKWDRDN
;
B,E
3 'polypeptide(L)' RTISYTYPF C,F
#
# COMPACT_ATOMS: atom_id res chain seq x y z
N GLY A 1 -4.86 38.91 3.44
CA GLY A 1 -3.48 38.90 4.01
C GLY A 1 -2.50 38.17 3.11
N SER A 2 -2.49 36.85 3.23
CA SER A 2 -1.61 35.99 2.43
C SER A 2 -2.22 35.67 1.07
N HIS A 3 -1.37 35.27 0.13
CA HIS A 3 -1.81 34.74 -1.17
C HIS A 3 -0.92 33.58 -1.59
N SER A 4 -1.55 32.54 -2.15
CA SER A 4 -0.87 31.28 -2.38
C SER A 4 -0.86 30.83 -3.84
N LEU A 5 0.27 30.27 -4.26
CA LEU A 5 0.38 29.57 -5.53
C LEU A 5 0.71 28.12 -5.22
N ARG A 6 -0.07 27.19 -5.75
CA ARG A 6 0.18 25.76 -5.55
C ARG A 6 -0.15 24.95 -6.79
N TYR A 7 0.68 23.93 -7.03
CA TYR A 7 0.42 22.96 -8.10
C TYR A 7 0.21 21.58 -7.51
N PHE A 8 -0.71 20.83 -8.12
CA PHE A 8 -1.06 19.50 -7.64
C PHE A 8 -0.87 18.47 -8.75
N TYR A 9 0.09 17.57 -8.55
CA TYR A 9 0.33 16.50 -9.50
C TYR A 9 -0.27 15.19 -9.01
N THR A 10 -0.84 14.43 -9.93
CA THR A 10 -1.31 13.08 -9.63
C THR A 10 -0.83 12.12 -10.72
N SER A 11 -0.09 11.10 -10.30
CA SER A 11 0.36 10.02 -11.18
C SER A 11 -0.33 8.73 -10.78
N VAL A 12 -1.04 8.15 -11.72
CA VAL A 12 -1.70 6.86 -11.51
C VAL A 12 -1.22 5.86 -12.54
N SER A 13 -0.67 4.74 -12.07
CA SER A 13 -0.27 3.66 -12.96
C SER A 13 -1.49 2.83 -13.33
N ARG A 14 -1.67 2.62 -14.63
CA ARG A 14 -2.80 1.85 -15.14
C ARG A 14 -2.31 0.57 -15.80
N PRO A 15 -2.35 -0.55 -15.08
CA PRO A 15 -1.69 -1.77 -15.53
C PRO A 15 -2.44 -2.49 -16.65
N GLY A 16 -1.77 -2.56 -17.80
CA GLY A 16 -2.29 -3.22 -18.97
C GLY A 16 -3.25 -2.32 -19.73
N ARG A 17 -3.50 -1.15 -19.15
CA ARG A 17 -4.45 -0.19 -19.68
C ARG A 17 -3.70 0.91 -20.40
N GLY A 18 -2.44 0.64 -20.70
CA GLY A 18 -1.59 1.61 -21.35
C GLY A 18 -0.61 2.17 -20.36
N ASP A 19 0.05 3.25 -20.76
CA ASP A 19 0.92 4.01 -19.88
C ASP A 19 0.11 4.76 -18.83
N PRO A 20 0.75 5.07 -17.71
CA PRO A 20 0.12 5.79 -16.60
C PRO A 20 -0.44 7.18 -16.92
N ARG A 21 -1.36 7.65 -16.08
CA ARG A 21 -2.04 8.92 -16.28
C ARG A 21 -1.43 10.04 -15.46
N PHE A 22 -1.24 11.20 -16.09
CA PHE A 22 -0.68 12.36 -15.42
C PHE A 22 -1.62 13.57 -15.46
N ILE A 23 -1.95 14.06 -14.28
CA ILE A 23 -2.81 15.24 -14.13
C ILE A 23 -2.08 16.35 -13.38
N ALA A 24 -2.20 17.58 -13.89
CA ALA A 24 -1.65 18.74 -13.22
C ALA A 24 -2.71 19.83 -13.11
N VAL A 25 -2.94 20.29 -11.88
CA VAL A 25 -3.82 21.43 -11.66
C VAL A 25 -3.13 22.48 -10.80
N GLY A 26 -3.35 23.76 -11.13
CA GLY A 26 -2.75 24.85 -10.39
C GLY A 26 -3.79 25.74 -9.76
N TYR A 27 -3.51 26.17 -8.54
CA TYR A 27 -4.42 27.04 -7.80
C TYR A 27 -3.74 28.32 -7.36
N VAL A 28 -4.41 29.44 -7.50
CA VAL A 28 -3.98 30.66 -6.89
C VAL A 28 -4.99 30.96 -5.79
N ASP A 29 -4.54 30.97 -4.55
CA ASP A 29 -5.46 31.11 -3.46
C ASP A 29 -6.46 29.96 -3.56
N ASP A 30 -7.75 30.28 -3.63
CA ASP A 30 -8.78 29.28 -3.80
C ASP A 30 -9.34 29.21 -5.23
N THR A 31 -8.63 29.78 -6.19
CA THR A 31 -9.07 29.75 -7.59
C THR A 31 -8.16 28.94 -8.51
N GLN A 32 -8.76 28.03 -9.28
CA GLN A 32 -8.01 27.21 -10.21
C GLN A 32 -7.79 27.94 -11.54
N PHE A 33 -6.53 28.04 -11.95
CA PHE A 33 -6.16 28.81 -13.14
C PHE A 33 -5.66 27.97 -14.30
N VAL A 34 -5.02 26.83 -14.01
CA VAL A 34 -4.51 25.94 -15.07
C VAL A 34 -4.88 24.47 -14.86
N ARG A 35 -4.79 23.69 -15.94
CA ARG A 35 -5.05 22.25 -15.92
C ARG A 35 -4.29 21.49 -17.01
N PHE A 36 -3.92 20.25 -16.70
CA PHE A 36 -3.36 19.33 -17.68
C PHE A 36 -3.84 17.90 -17.38
N ASP A 37 -4.21 17.18 -18.44
CA ASP A 37 -4.60 15.78 -18.34
C ASP A 37 -3.98 14.99 -19.49
N SER A 38 -3.14 14.02 -19.15
CA SER A 38 -2.46 13.20 -20.15
C SER A 38 -3.43 12.42 -21.03
N ASP A 39 -4.57 12.04 -20.46
CA ASP A 39 -5.63 11.32 -21.18
C ASP A 39 -6.32 12.20 -22.22
N ALA A 40 -6.54 13.47 -21.86
CA ALA A 40 -7.22 14.43 -22.74
C ALA A 40 -6.54 14.55 -24.10
N ALA A 41 -7.34 14.76 -25.14
CA ALA A 41 -6.85 14.73 -26.52
C ALA A 41 -6.21 16.04 -26.99
N THR A 42 -6.14 17.04 -26.10
CA THR A 42 -5.57 18.33 -26.47
C THR A 42 -4.03 18.30 -26.46
N GLY A 43 -3.46 17.55 -25.52
CA GLY A 43 -2.01 17.49 -25.34
C GLY A 43 -1.44 18.82 -24.92
N ARG A 44 -2.17 19.55 -24.08
CA ARG A 44 -1.84 20.93 -23.73
C ARG A 44 -2.32 21.38 -22.36
N MET A 45 -1.48 22.20 -21.70
CA MET A 45 -1.89 22.93 -20.51
C MET A 45 -2.96 23.93 -20.91
N GLU A 46 -4.07 23.94 -20.18
CA GLU A 46 -5.21 24.76 -20.56
C GLU A 46 -5.61 25.73 -19.44
N PRO A 47 -6.04 26.95 -19.81
CA PRO A 47 -6.54 27.92 -18.84
C PRO A 47 -7.88 27.48 -18.23
N ARG A 48 -7.99 27.60 -16.90
CA ARG A 48 -9.24 27.30 -16.21
C ARG A 48 -9.78 28.54 -15.49
N ALA A 49 -9.30 29.70 -15.92
CA ALA A 49 -9.76 31.00 -15.43
C ALA A 49 -9.66 32.03 -16.56
N PRO A 50 -10.70 32.88 -16.71
CA PRO A 50 -10.78 33.84 -17.82
C PRO A 50 -9.60 34.82 -17.90
N TRP A 51 -9.06 35.22 -16.74
CA TRP A 51 -7.96 36.17 -16.69
C TRP A 51 -6.64 35.57 -17.21
N MET A 52 -6.66 34.27 -17.51
CA MET A 52 -5.49 33.57 -18.00
C MET A 52 -5.34 33.69 -19.51
N GLU A 53 -6.47 33.82 -20.21
CA GLU A 53 -6.50 33.99 -21.66
C GLU A 53 -5.71 35.20 -22.13
N GLN A 54 -5.26 36.01 -21.16
CA GLN A 54 -4.35 37.14 -21.40
C GLN A 54 -3.00 36.65 -21.89
N GLU A 55 -2.51 35.56 -21.31
CA GLU A 55 -1.23 34.97 -21.68
C GLU A 55 -1.24 34.44 -23.11
N GLY A 56 -0.09 34.52 -23.77
CA GLY A 56 0.05 34.13 -25.17
C GLY A 56 0.41 32.66 -25.36
N PRO A 57 0.68 32.25 -26.62
CA PRO A 57 1.07 30.88 -26.94
C PRO A 57 2.43 30.50 -26.32
N GLU A 58 3.34 31.47 -26.23
CA GLU A 58 4.68 31.28 -25.64
C GLU A 58 4.59 30.77 -24.22
N TYR A 59 3.60 31.26 -23.47
CA TYR A 59 3.38 30.82 -22.11
C TYR A 59 2.99 29.34 -22.05
N TRP A 60 2.12 28.91 -22.96
CA TRP A 60 1.50 27.59 -22.85
C TRP A 60 2.27 26.40 -23.38
N ASP A 61 2.97 26.54 -24.50
CA ASP A 61 3.84 25.45 -24.96
C ASP A 61 4.97 25.23 -23.96
N ARG A 62 5.46 26.31 -23.34
CA ARG A 62 6.38 26.20 -22.22
C ARG A 62 5.74 25.36 -21.11
N GLU A 63 4.54 25.77 -20.71
CA GLU A 63 3.80 25.12 -19.62
C GLU A 63 3.38 23.69 -19.95
N THR A 64 3.08 23.44 -21.23
CA THR A 64 2.87 22.08 -21.72
C THR A 64 4.19 21.32 -21.68
N ARG A 65 5.24 21.90 -22.26
CA ARG A 65 6.55 21.25 -22.35
C ARG A 65 7.06 20.74 -21.01
N THR A 66 6.98 21.56 -19.96
CA THR A 66 7.47 21.14 -18.65
C THR A 66 6.60 20.02 -18.11
N VAL A 67 5.29 20.18 -18.26
CA VAL A 67 4.33 19.21 -17.75
C VAL A 67 4.43 17.87 -18.48
N LYS A 68 4.88 17.90 -19.74
CA LYS A 68 5.10 16.68 -20.52
C LYS A 68 6.34 15.92 -20.05
N GLU A 69 7.46 16.63 -19.88
CA GLU A 69 8.70 16.00 -19.40
C GLU A 69 8.59 15.58 -17.93
N THR A 70 7.70 16.25 -17.19
CA THR A 70 7.39 15.87 -15.82
C THR A 70 6.58 14.58 -15.77
N ALA A 71 5.66 14.42 -16.74
CA ALA A 71 4.88 13.20 -16.89
C ALA A 71 5.80 11.99 -17.13
N GLN A 72 6.85 12.20 -17.93
CA GLN A 72 7.86 11.18 -18.20
C GLN A 72 8.65 10.82 -16.97
N ARG A 73 9.16 11.84 -16.26
CA ARG A 73 9.91 11.60 -15.04
C ARG A 73 9.08 10.86 -13.99
N TYR A 74 7.79 11.21 -13.92
CA TYR A 74 6.86 10.58 -12.98
C TYR A 74 6.45 9.17 -13.41
N ARG A 75 6.57 8.88 -14.71
CA ARG A 75 6.35 7.55 -15.27
C ARG A 75 7.43 6.58 -14.78
N VAL A 76 8.67 7.05 -14.74
CA VAL A 76 9.81 6.29 -14.20
C VAL A 76 9.69 6.11 -12.69
N ASP A 77 9.38 7.20 -11.98
CA ASP A 77 9.23 7.17 -10.53
C ASP A 77 8.22 6.12 -10.06
N LEU A 78 7.15 5.95 -10.83
CA LEU A 78 6.15 4.91 -10.56
C LEU A 78 6.75 3.51 -10.46
N ASP A 79 7.66 3.20 -11.39
CA ASP A 79 8.39 1.92 -11.38
C ASP A 79 9.32 1.83 -10.19
N THR A 80 10.04 2.93 -9.92
CA THR A 80 11.00 3.00 -8.83
C THR A 80 10.35 2.68 -7.49
N LEU A 81 9.22 3.34 -7.21
CA LEU A 81 8.42 3.09 -6.01
C LEU A 81 7.98 1.64 -5.94
N ARG A 82 7.52 1.12 -7.07
CA ARG A 82 7.11 -0.29 -7.18
C ARG A 82 8.27 -1.23 -6.79
N GLY A 83 9.50 -0.83 -7.12
CA GLY A 83 10.70 -1.55 -6.73
C GLY A 83 10.99 -1.46 -5.24
N TYR A 84 10.87 -0.26 -4.68
CA TYR A 84 11.12 -0.01 -3.26
C TYR A 84 10.17 -0.79 -2.36
N TYR A 85 8.89 -0.81 -2.73
CA TYR A 85 7.85 -1.41 -1.90
C TYR A 85 7.54 -2.86 -2.30
N ASN A 86 8.35 -3.43 -3.20
CA ASN A 86 8.21 -4.81 -3.68
C ASN A 86 6.81 -5.16 -4.20
N GLN A 87 6.22 -4.20 -4.92
CA GLN A 87 4.88 -4.34 -5.46
C GLN A 87 4.90 -4.96 -6.86
N SER A 88 3.79 -5.58 -7.23
CA SER A 88 3.64 -6.19 -8.56
C SER A 88 2.96 -5.22 -9.51
N GLU A 89 3.04 -5.52 -10.79
CA GLU A 89 2.44 -4.70 -11.83
C GLU A 89 0.91 -4.70 -11.79
N ALA A 90 0.31 -5.79 -11.31
CA ALA A 90 -1.14 -5.95 -11.27
C ALA A 90 -1.89 -4.75 -10.68
N GLY A 91 -1.42 -4.27 -9.53
CA GLY A 91 -2.11 -3.21 -8.78
C GLY A 91 -1.82 -1.81 -9.28
N SER A 92 -2.85 -0.95 -9.19
CA SER A 92 -2.74 0.45 -9.62
C SER A 92 -2.26 1.32 -8.46
N HIS A 93 -1.24 2.14 -8.72
CA HIS A 93 -0.63 2.96 -7.68
C HIS A 93 -0.65 4.44 -7.98
N THR A 94 -0.71 5.23 -6.91
CA THR A 94 -0.83 6.68 -7.03
C THR A 94 0.29 7.42 -6.29
N ARG A 95 0.97 8.31 -6.99
CA ARG A 95 1.94 9.19 -6.37
C ARG A 95 1.50 10.65 -6.57
N GLN A 96 1.56 11.42 -5.49
CA GLN A 96 1.10 12.79 -5.49
C GLN A 96 2.25 13.74 -5.17
N THR A 97 2.18 14.92 -5.78
CA THR A 97 3.10 15.99 -5.47
C THR A 97 2.29 17.27 -5.32
N MET A 98 2.53 17.99 -4.25
CA MET A 98 2.02 19.34 -4.14
C MET A 98 3.13 20.28 -3.69
N TYR A 99 3.28 21.37 -4.42
CA TYR A 99 4.30 22.36 -4.14
C TYR A 99 3.79 23.75 -4.48
N GLY A 100 4.44 24.76 -3.91
CA GLY A 100 4.05 26.13 -4.14
C GLY A 100 4.43 27.02 -2.98
N CYS A 101 3.97 28.26 -3.04
CA CYS A 101 4.45 29.29 -2.13
C CYS A 101 3.34 30.18 -1.58
N ASP A 102 3.54 30.63 -0.35
CA ASP A 102 2.71 31.66 0.25
C ASP A 102 3.49 32.99 0.24
N LEU A 103 2.80 34.09 0.00
CA LEU A 103 3.45 35.40 0.13
C LEU A 103 2.67 36.38 1.01
N GLY A 104 3.42 37.19 1.74
CA GLY A 104 2.84 38.21 2.61
C GLY A 104 2.75 39.54 1.87
N PRO A 105 2.15 40.56 2.54
CA PRO A 105 2.02 41.90 1.99
C PRO A 105 3.31 42.43 1.38
N GLY A 106 4.45 41.92 1.83
CA GLY A 106 5.72 42.27 1.21
C GLY A 106 5.77 41.92 -0.26
N GLY A 107 5.27 40.73 -0.60
CA GLY A 107 5.43 40.17 -1.94
C GLY A 107 6.60 39.21 -1.91
N ARG A 108 7.37 39.31 -0.83
CA ARG A 108 8.47 38.40 -0.51
C ARG A 108 7.88 37.04 -0.09
N LEU A 109 8.69 35.99 -0.13
CA LEU A 109 8.20 34.65 0.24
C LEU A 109 7.91 34.50 1.73
N LEU A 110 6.69 34.11 2.03
CA LEU A 110 6.24 33.88 3.41
C LEU A 110 6.54 32.44 3.82
N ARG A 111 6.16 31.49 2.96
CA ARG A 111 6.45 30.07 3.17
C ARG A 111 6.50 29.32 1.84
N GLY A 112 7.20 28.18 1.83
CA GLY A 112 7.34 27.35 0.64
C GLY A 112 7.12 25.87 0.91
N TYR A 113 6.49 25.19 -0.05
CA TYR A 113 6.09 23.79 0.11
C TYR A 113 6.61 22.93 -1.04
N SER A 114 6.92 21.68 -0.73
CA SER A 114 7.25 20.65 -1.73
C SER A 114 7.15 19.29 -1.07
N GLN A 115 6.00 18.64 -1.24
CA GLN A 115 5.74 17.36 -0.59
C GLN A 115 5.30 16.31 -1.59
N ASP A 116 5.47 15.04 -1.21
CA ASP A 116 5.10 13.91 -2.03
C ASP A 116 4.34 12.87 -1.21
N ALA A 117 3.52 12.08 -1.90
CA ALA A 117 2.77 11.01 -1.26
C ALA A 117 2.76 9.77 -2.14
N TYR A 118 2.67 8.60 -1.51
CA TYR A 118 2.51 7.37 -2.25
C TYR A 118 1.36 6.55 -1.68
N ASP A 119 0.46 6.17 -2.59
CA ASP A 119 -0.75 5.42 -2.24
C ASP A 119 -1.54 6.02 -1.07
N GLY A 120 -1.56 7.35 -1.00
CA GLY A 120 -2.36 8.08 -0.02
C GLY A 120 -1.70 8.34 1.31
N ALA A 121 -0.38 8.19 1.35
CA ALA A 121 0.38 8.39 2.58
C ALA A 121 1.64 9.19 2.31
N ASP A 122 2.03 10.01 3.28
CA ASP A 122 3.26 10.78 3.22
C ASP A 122 4.43 9.95 2.73
N TYR A 123 5.15 10.48 1.76
CA TYR A 123 6.39 9.88 1.31
C TYR A 123 7.54 10.79 1.74
N ILE A 124 7.69 11.92 1.06
CA ILE A 124 8.75 12.87 1.38
C ILE A 124 8.24 14.31 1.34
N ALA A 125 8.70 15.12 2.29
CA ALA A 125 8.35 16.52 2.35
C ALA A 125 9.59 17.36 2.61
N LEU A 126 9.62 18.54 1.99
CA LEU A 126 10.65 19.51 2.29
C LEU A 126 10.23 20.24 3.56
N ASN A 127 11.19 20.40 4.47
CA ASN A 127 10.92 21.09 5.73
C ASN A 127 10.79 22.60 5.51
N GLU A 128 10.26 23.29 6.52
CA GLU A 128 10.03 24.73 6.45
C GLU A 128 11.33 25.52 6.28
N ASP A 129 12.43 24.98 6.83
CA ASP A 129 13.76 25.56 6.67
C ASP A 129 14.19 25.60 5.19
N LEU A 130 13.55 24.73 4.39
CA LEU A 130 13.81 24.58 2.95
C LEU A 130 15.24 24.11 2.65
N ARG A 131 15.78 23.30 3.56
CA ARG A 131 17.16 22.78 3.44
C ARG A 131 17.27 21.34 3.90
N SER A 132 16.17 20.80 4.43
CA SER A 132 16.16 19.44 4.99
C SER A 132 14.89 18.68 4.62
N TRP A 133 14.97 17.35 4.68
CA TRP A 133 13.89 16.48 4.23
C TRP A 133 13.29 15.63 5.35
N THR A 134 11.97 15.47 5.30
CA THR A 134 11.26 14.52 6.16
C THR A 134 10.78 13.34 5.31
N ALA A 135 11.36 12.18 5.58
CA ALA A 135 11.00 10.95 4.88
C ALA A 135 10.18 10.06 5.80
N ALA A 136 8.98 9.70 5.36
CA ALA A 136 8.03 8.95 6.18
C ALA A 136 8.55 7.56 6.58
N ASP A 137 8.76 6.71 5.59
CA ASP A 137 9.28 5.36 5.83
C ASP A 137 10.73 5.22 5.39
N THR A 138 11.23 3.99 5.34
CA THR A 138 12.62 3.74 4.96
C THR A 138 12.80 3.69 3.44
N ALA A 139 11.71 3.49 2.72
CA ALA A 139 11.72 3.57 1.26
C ALA A 139 11.89 5.03 0.82
N ALA A 140 11.22 5.92 1.53
CA ALA A 140 11.36 7.35 1.32
C ALA A 140 12.75 7.82 1.74
N GLN A 141 13.31 7.15 2.74
CA GLN A 141 14.65 7.45 3.25
C GLN A 141 15.73 7.22 2.19
N ILE A 142 15.48 6.29 1.25
CA ILE A 142 16.35 6.06 0.10
C ILE A 142 16.40 7.32 -0.79
N THR A 143 15.22 7.74 -1.26
CA THR A 143 15.07 8.95 -2.07
C THR A 143 15.77 10.14 -1.41
N ARG A 144 15.61 10.24 -0.08
CA ARG A 144 16.18 11.32 0.71
C ARG A 144 17.70 11.40 0.58
N ARG A 145 18.37 10.26 0.66
CA ARG A 145 19.82 10.20 0.51
C ARG A 145 20.26 10.63 -0.88
N LYS A 146 19.55 10.14 -1.90
CA LYS A 146 19.83 10.52 -3.29
C LYS A 146 19.65 12.02 -3.46
N TRP A 147 18.52 12.52 -2.97
CA TRP A 147 18.16 13.92 -3.05
C TRP A 147 19.17 14.84 -2.34
N GLU A 148 19.67 14.40 -1.19
CA GLU A 148 20.72 15.12 -0.47
C GLU A 148 22.03 15.16 -1.25
N ALA A 149 22.37 14.02 -1.86
CA ALA A 149 23.57 13.91 -2.68
C ALA A 149 23.44 14.73 -3.97
N ALA A 150 22.21 14.85 -4.47
CA ALA A 150 21.95 15.58 -5.71
C ALA A 150 21.74 17.08 -5.50
N GLY A 151 21.55 17.48 -4.25
CA GLY A 151 21.38 18.89 -3.89
C GLY A 151 20.04 19.45 -4.32
N THR A 152 19.01 18.61 -4.25
CA THR A 152 17.67 18.95 -4.71
C THR A 152 17.05 20.13 -3.95
N ALA A 153 17.28 20.18 -2.63
CA ALA A 153 16.68 21.18 -1.76
C ALA A 153 17.09 22.60 -2.16
N GLU A 154 18.35 22.75 -2.56
CA GLU A 154 18.85 24.03 -3.03
C GLU A 154 18.11 24.45 -4.29
N HIS A 155 17.93 23.51 -5.22
CA HIS A 155 17.20 23.77 -6.46
C HIS A 155 15.74 24.15 -6.19
N ASP A 156 15.12 23.43 -5.27
CA ASP A 156 13.73 23.72 -4.88
C ASP A 156 13.62 25.06 -4.16
N ARG A 157 14.42 25.26 -3.12
CA ARG A 157 14.45 26.53 -2.38
C ARG A 157 14.62 27.70 -3.33
N ASN A 158 15.41 27.50 -4.38
CA ASN A 158 15.62 28.51 -5.41
C ASN A 158 14.41 28.79 -6.27
N TYR A 159 13.69 27.74 -6.66
CA TYR A 159 12.45 27.92 -7.43
C TYR A 159 11.39 28.59 -6.57
N LEU A 160 11.31 28.17 -5.31
CA LEU A 160 10.30 28.65 -4.38
C LEU A 160 10.50 30.11 -3.99
N GLU A 161 11.70 30.44 -3.56
CA GLU A 161 12.06 31.79 -3.22
C GLU A 161 12.02 32.74 -4.40
N THR A 162 12.38 32.26 -5.58
CA THR A 162 12.38 33.13 -6.75
C THR A 162 11.20 32.93 -7.70
N THR A 163 11.25 31.89 -8.52
CA THR A 163 10.34 31.77 -9.65
C THR A 163 8.89 31.71 -9.21
N CYS A 164 8.63 30.97 -8.14
CA CYS A 164 7.29 30.81 -7.57
C CYS A 164 6.63 32.14 -7.21
N VAL A 165 7.35 33.00 -6.51
CA VAL A 165 6.79 34.26 -6.02
C VAL A 165 6.62 35.32 -7.11
N GLU A 166 7.47 35.28 -8.14
CA GLU A 166 7.37 36.23 -9.26
C GLU A 166 6.07 36.00 -10.01
N TRP A 167 5.81 34.74 -10.34
CA TRP A 167 4.63 34.37 -11.11
C TRP A 167 3.36 34.53 -10.28
N LEU A 168 3.47 34.29 -8.98
CA LEU A 168 2.36 34.54 -8.06
C LEU A 168 1.91 36.01 -8.12
N ARG A 169 2.89 36.92 -8.03
CA ARG A 169 2.63 38.35 -8.21
C ARG A 169 1.99 38.61 -9.57
N ARG A 170 2.56 37.98 -10.60
CA ARG A 170 2.15 38.17 -11.99
C ARG A 170 0.73 37.70 -12.22
N TYR A 171 0.38 36.55 -11.64
CA TYR A 171 -0.99 36.01 -11.72
C TYR A 171 -1.97 36.87 -10.93
N LEU A 172 -1.49 37.44 -9.83
CA LEU A 172 -2.32 38.30 -8.99
C LEU A 172 -2.72 39.58 -9.72
N GLU A 173 -1.83 40.11 -10.54
CA GLU A 173 -2.13 41.30 -11.34
C GLU A 173 -3.07 40.99 -12.52
N MET A 174 -2.88 39.81 -13.11
CA MET A 174 -3.70 39.35 -14.23
C MET A 174 -5.15 39.16 -13.81
N GLY A 175 -5.34 38.57 -12.62
CA GLY A 175 -6.67 38.30 -12.09
C GLY A 175 -7.09 39.21 -10.95
N LYS A 176 -6.40 40.35 -10.82
CA LYS A 176 -6.66 41.30 -9.73
C LYS A 176 -8.14 41.58 -9.48
N GLU A 177 -8.91 41.71 -10.57
CA GLU A 177 -10.32 42.09 -10.51
C GLU A 177 -11.25 41.07 -9.85
N THR A 178 -10.72 39.90 -9.51
CA THR A 178 -11.51 38.84 -8.88
C THR A 178 -10.77 38.11 -7.75
N LEU A 179 -9.45 38.02 -7.89
CA LEU A 179 -8.60 37.34 -6.90
C LEU A 179 -8.44 38.14 -5.63
N LEU A 180 -8.53 39.46 -5.75
CA LEU A 180 -8.45 40.37 -4.60
C LEU A 180 -9.85 40.83 -4.20
N ARG A 181 -10.82 40.52 -5.05
CA ARG A 181 -12.24 40.72 -4.76
C ARG A 181 -12.66 39.79 -3.63
N ALA A 182 -13.47 40.30 -2.72
CA ALA A 182 -14.00 39.49 -1.62
C ALA A 182 -15.50 39.29 -1.78
N GLU A 183 -15.94 38.05 -1.66
CA GLU A 183 -17.35 37.69 -1.76
C GLU A 183 -17.90 37.34 -0.38
N PRO A 184 -18.78 38.21 0.17
CA PRO A 184 -19.46 37.89 1.42
C PRO A 184 -20.52 36.81 1.23
N PRO A 185 -20.74 35.95 2.25
CA PRO A 185 -21.72 34.86 2.15
C PRO A 185 -23.17 35.36 2.17
N SER A 186 -24.05 34.62 1.50
CA SER A 186 -25.49 34.85 1.59
C SER A 186 -26.03 33.98 2.71
N THR A 187 -26.58 34.63 3.73
CA THR A 187 -26.92 33.94 4.97
C THR A 187 -28.41 33.89 5.26
N ARG A 188 -28.94 32.67 5.28
CA ARG A 188 -30.31 32.40 5.71
C ARG A 188 -30.29 31.30 6.76
N VAL A 189 -31.41 31.15 7.47
CA VAL A 189 -31.57 30.07 8.44
C VAL A 189 -32.85 29.28 8.16
N THR A 190 -32.78 27.96 8.29
CA THR A 190 -33.89 27.08 7.91
C THR A 190 -34.32 26.15 9.06
N ARG A 191 -35.60 25.80 9.08
CA ARG A 191 -36.18 24.95 10.12
C ARG A 191 -36.74 23.65 9.54
N HIS A 192 -36.40 22.53 10.17
CA HIS A 192 -36.87 21.21 9.75
C HIS A 192 -37.13 20.35 10.98
N PRO A 193 -38.41 20.05 11.27
CA PRO A 193 -38.76 19.21 12.42
C PRO A 193 -38.15 17.80 12.38
N ILE A 194 -37.82 17.29 13.56
CA ILE A 194 -37.34 15.91 13.73
C ILE A 194 -38.42 15.12 14.48
N SER A 195 -38.90 15.69 15.57
CA SER A 195 -39.88 15.04 16.43
C SER A 195 -40.95 16.04 16.87
N ASP A 196 -41.94 15.55 17.62
CA ASP A 196 -43.00 16.40 18.18
C ASP A 196 -42.45 17.42 19.18
N HIS A 197 -41.18 17.25 19.56
CA HIS A 197 -40.54 18.14 20.54
C HIS A 197 -39.11 18.57 20.18
N GLU A 198 -38.69 18.32 18.94
CA GLU A 198 -37.36 18.74 18.47
C GLU A 198 -37.35 19.17 17.00
N VAL A 199 -36.55 20.22 16.71
CA VAL A 199 -36.40 20.75 15.35
C VAL A 199 -34.93 21.01 15.01
N THR A 200 -34.62 20.96 13.71
CA THR A 200 -33.29 21.30 13.21
C THR A 200 -33.28 22.71 12.63
N LEU A 201 -32.47 23.58 13.23
CA LEU A 201 -32.20 24.89 12.66
C LEU A 201 -30.89 24.84 11.89
N ARG A 202 -30.87 25.44 10.71
CA ARG A 202 -29.71 25.33 9.83
C ARG A 202 -29.23 26.67 9.29
N CYS A 203 -27.98 27.02 9.61
CA CYS A 203 -27.37 28.27 9.19
C CYS A 203 -26.66 28.12 7.85
N TRP A 204 -27.17 28.79 6.84
CA TRP A 204 -26.61 28.72 5.49
C TRP A 204 -25.63 29.83 5.21
N ALA A 205 -24.59 29.52 4.43
CA ALA A 205 -23.64 30.50 3.94
C ALA A 205 -23.40 30.26 2.46
N LEU A 206 -23.91 31.16 1.62
CA LEU A 206 -23.95 30.92 0.18
C LEU A 206 -23.10 31.89 -0.66
N GLY A 207 -22.38 31.31 -1.63
CA GLY A 207 -21.70 32.07 -2.67
C GLY A 207 -20.59 33.00 -2.20
N PHE A 208 -19.77 32.52 -1.26
CA PHE A 208 -18.67 33.32 -0.72
C PHE A 208 -17.29 32.85 -1.20
N TYR A 209 -16.33 33.77 -1.14
CA TYR A 209 -14.95 33.53 -1.51
C TYR A 209 -14.08 34.45 -0.65
N PRO A 210 -12.96 33.93 -0.10
CA PRO A 210 -12.49 32.56 -0.32
C PRO A 210 -13.18 31.55 0.59
N ALA A 211 -12.71 30.30 0.54
CA ALA A 211 -13.36 29.19 1.24
C ALA A 211 -13.31 29.27 2.77
N GLU A 212 -12.36 30.04 3.31
CA GLU A 212 -12.24 30.17 4.77
C GLU A 212 -13.42 30.95 5.31
N ILE A 213 -14.19 30.29 6.17
CA ILE A 213 -15.36 30.89 6.82
C ILE A 213 -15.52 30.23 8.19
N THR A 214 -16.33 30.85 9.06
CA THR A 214 -16.64 30.27 10.36
C THR A 214 -18.12 30.40 10.66
N LEU A 215 -18.81 29.26 10.76
CA LEU A 215 -20.23 29.25 11.14
C LEU A 215 -20.41 28.71 12.55
N THR A 216 -20.56 29.63 13.51
CA THR A 216 -20.81 29.27 14.89
C THR A 216 -22.27 29.45 15.28
N TRP A 217 -22.77 28.52 16.10
CA TRP A 217 -24.08 28.65 16.73
C TRP A 217 -23.91 28.92 18.21
N GLN A 218 -24.78 29.76 18.75
CA GLN A 218 -24.83 30.02 20.19
C GLN A 218 -26.24 30.23 20.70
N ARG A 219 -26.41 30.08 22.01
CA ARG A 219 -27.69 30.24 22.68
C ARG A 219 -27.49 31.12 23.91
N ASP A 220 -28.01 32.34 23.85
CA ASP A 220 -27.94 33.34 24.93
C ASP A 220 -26.58 34.03 25.09
N GLY A 221 -25.71 33.89 24.08
CA GLY A 221 -24.39 34.51 24.12
C GLY A 221 -23.28 33.58 24.57
N GLU A 222 -23.43 32.30 24.25
CA GLU A 222 -22.46 31.27 24.62
C GLU A 222 -22.59 30.05 23.70
N ASP A 223 -21.54 29.80 22.92
CA ASP A 223 -21.55 28.78 21.88
C ASP A 223 -21.59 27.35 22.41
N GLN A 224 -22.40 26.51 21.75
CA GLN A 224 -22.44 25.09 22.01
C GLN A 224 -21.98 24.31 20.78
N THR A 225 -20.67 24.10 20.71
CA THR A 225 -20.02 23.41 19.60
C THR A 225 -20.04 21.89 19.77
N GLN A 226 -20.58 21.43 20.90
CA GLN A 226 -20.79 20.00 21.15
C GLN A 226 -22.01 19.45 20.41
N ASP A 227 -22.97 20.32 20.15
CA ASP A 227 -24.27 19.91 19.61
C ASP A 227 -24.50 20.46 18.20
N THR A 228 -23.46 20.40 17.37
CA THR A 228 -23.48 21.04 16.06
C THR A 228 -22.99 20.10 14.95
N GLU A 229 -23.87 19.80 14.00
CA GLU A 229 -23.47 19.14 12.76
C GLU A 229 -23.03 20.21 11.76
N VAL A 230 -21.95 19.95 11.04
CA VAL A 230 -21.36 20.93 10.13
C VAL A 230 -20.71 20.25 8.92
N VAL A 231 -21.19 20.56 7.72
CA VAL A 231 -20.65 19.96 6.49
C VAL A 231 -19.26 20.48 6.14
N ASP A 232 -18.62 19.80 5.20
CA ASP A 232 -17.39 20.29 4.58
C ASP A 232 -17.76 21.47 3.70
N THR A 233 -16.90 22.49 3.69
CA THR A 233 -17.06 23.62 2.78
C THR A 233 -16.96 23.12 1.32
N ARG A 234 -18.07 23.25 0.61
CA ARG A 234 -18.22 22.69 -0.74
C ARG A 234 -18.27 23.80 -1.80
N PRO A 235 -18.05 23.45 -3.08
CA PRO A 235 -18.13 24.44 -4.16
C PRO A 235 -19.56 24.71 -4.61
N ALA A 236 -19.87 25.98 -4.86
CA ALA A 236 -21.17 26.38 -5.39
C ALA A 236 -21.31 26.03 -6.87
N GLY A 237 -20.16 25.81 -7.53
CA GLY A 237 -20.12 25.42 -8.93
C GLY A 237 -19.71 26.54 -9.87
N ASP A 238 -19.78 27.77 -9.37
CA ASP A 238 -19.46 28.96 -10.16
C ASP A 238 -18.14 29.61 -9.72
N GLY A 239 -17.39 28.92 -8.88
CA GLY A 239 -16.14 29.44 -8.35
C GLY A 239 -16.19 29.69 -6.86
N THR A 240 -17.36 30.09 -6.37
CA THR A 240 -17.56 30.37 -4.94
C THR A 240 -17.91 29.11 -4.14
N PHE A 241 -18.16 29.30 -2.85
CA PHE A 241 -18.33 28.18 -1.93
C PHE A 241 -19.62 28.25 -1.11
N GLN A 242 -19.96 27.14 -0.47
CA GLN A 242 -21.09 27.07 0.47
C GLN A 242 -20.84 26.10 1.63
N LYS A 243 -21.35 26.48 2.80
CA LYS A 243 -21.21 25.69 4.02
C LYS A 243 -22.47 25.86 4.86
N TRP A 244 -22.79 24.85 5.68
CA TRP A 244 -23.88 24.99 6.65
C TRP A 244 -23.61 24.32 7.99
N ALA A 245 -24.26 24.84 9.03
CA ALA A 245 -24.16 24.30 10.39
C ALA A 245 -25.55 24.17 11.01
N ALA A 246 -25.85 22.99 11.54
CA ALA A 246 -27.17 22.69 12.11
C ALA A 246 -27.12 22.38 13.61
N VAL A 247 -28.26 22.56 14.28
CA VAL A 247 -28.39 22.27 15.70
C VAL A 247 -29.81 21.78 16.03
N VAL A 248 -29.89 20.69 16.79
CA VAL A 248 -31.16 20.17 17.28
C VAL A 248 -31.62 20.99 18.48
N VAL A 249 -32.76 21.66 18.33
CA VAL A 249 -33.32 22.51 19.39
C VAL A 249 -34.75 22.09 19.72
N PRO A 250 -35.27 22.46 20.90
CA PRO A 250 -36.67 22.17 21.23
C PRO A 250 -37.62 22.96 20.35
N SER A 251 -38.63 22.29 19.79
CA SER A 251 -39.63 22.90 18.92
C SER A 251 -40.36 24.08 19.57
N GLY A 252 -40.16 24.24 20.87
CA GLY A 252 -40.73 25.34 21.62
C GLY A 252 -39.86 26.58 21.65
N GLN A 253 -38.56 26.41 21.43
CA GLN A 253 -37.59 27.50 21.57
C GLN A 253 -36.77 27.69 20.29
N GLU A 254 -37.06 28.74 19.52
CA GLU A 254 -36.35 29.01 18.27
C GLU A 254 -35.50 30.28 18.31
N GLN A 255 -36.05 31.35 18.87
CA GLN A 255 -35.36 32.65 18.92
C GLN A 255 -34.16 32.64 19.86
N ARG A 256 -34.16 31.70 20.81
CA ARG A 256 -33.11 31.59 21.81
C ARG A 256 -31.76 31.19 21.21
N TYR A 257 -31.77 30.76 19.96
CA TYR A 257 -30.57 30.36 19.25
C TYR A 257 -30.23 31.34 18.13
N THR A 258 -28.95 31.70 18.04
CA THR A 258 -28.46 32.65 17.03
C THR A 258 -27.22 32.11 16.34
N CYS A 259 -27.18 32.25 15.01
CA CYS A 259 -26.00 31.87 14.22
C CYS A 259 -25.07 33.06 14.02
N HIS A 260 -23.78 32.78 13.97
CA HIS A 260 -22.77 33.82 13.82
C HIS A 260 -21.80 33.48 12.68
N VAL A 261 -21.91 34.27 11.61
CA VAL A 261 -21.14 34.04 10.40
C VAL A 261 -19.95 34.99 10.33
N GLN A 262 -18.75 34.41 10.22
CA GLN A 262 -17.52 35.18 10.13
C GLN A 262 -16.79 34.90 8.82
N HIS A 263 -16.46 35.97 8.10
CA HIS A 263 -15.83 35.86 6.78
C HIS A 263 -15.08 37.15 6.46
N GLU A 264 -13.98 37.03 5.71
CA GLU A 264 -13.19 38.20 5.31
C GLU A 264 -13.94 39.09 4.31
N GLY A 265 -14.92 38.51 3.63
CA GLY A 265 -15.76 39.24 2.67
C GLY A 265 -16.70 40.23 3.35
N LEU A 266 -17.07 39.92 4.59
CA LEU A 266 -17.93 40.79 5.38
C LEU A 266 -17.11 41.83 6.13
N ALA A 267 -17.66 43.05 6.21
CA ALA A 267 -17.04 44.12 6.99
C ALA A 267 -17.12 43.80 8.49
N GLU A 268 -18.27 43.29 8.89
CA GLU A 268 -18.55 42.95 10.29
C GLU A 268 -19.19 41.56 10.35
N PRO A 269 -18.72 40.70 11.29
CA PRO A 269 -19.32 39.38 11.45
C PRO A 269 -20.82 39.49 11.75
N VAL A 270 -21.65 38.92 10.86
CA VAL A 270 -23.11 39.08 10.95
C VAL A 270 -23.80 37.91 11.65
N THR A 271 -24.92 38.21 12.29
CA THR A 271 -25.68 37.23 13.06
C THR A 271 -27.09 37.02 12.48
N ARG A 272 -27.55 35.77 12.48
CA ARG A 272 -28.88 35.43 11.94
C ARG A 272 -29.75 34.67 12.94
N ARG A 273 -31.06 34.72 12.70
CA ARG A 273 -32.05 34.07 13.56
C ARG A 273 -33.28 33.67 12.74
N TRP A 274 -34.01 32.66 13.23
CA TRP A 274 -35.23 32.20 12.56
C TRP A 274 -36.36 33.23 12.66
N GLU A 275 -37.06 33.42 11.55
CA GLU A 275 -38.12 34.42 11.46
C GLU A 275 -39.38 33.82 10.85
N MET B 1 -1.04 1.56 0.10
CA MET B 1 -2.29 0.99 -0.48
C MET B 1 -3.50 1.40 0.36
N VAL B 2 -3.32 2.43 1.20
CA VAL B 2 -4.36 2.91 2.12
C VAL B 2 -5.46 3.67 1.36
N GLN B 3 -6.70 3.30 1.66
CA GLN B 3 -7.87 3.79 0.93
C GLN B 3 -8.87 4.50 1.84
N HIS B 4 -9.69 5.36 1.25
CA HIS B 4 -10.73 6.09 1.98
C HIS B 4 -11.99 6.18 1.13
N PRO B 5 -13.16 5.89 1.74
CA PRO B 5 -14.42 5.92 1.00
C PRO B 5 -14.78 7.34 0.57
N PRO B 6 -15.51 7.49 -0.54
CA PRO B 6 -15.91 8.82 -0.97
C PRO B 6 -17.00 9.39 -0.07
N LYS B 7 -16.99 10.70 0.08
CA LYS B 7 -18.10 11.42 0.69
C LYS B 7 -18.83 12.15 -0.41
N ILE B 8 -20.16 12.05 -0.41
CA ILE B 8 -20.99 12.60 -1.47
C ILE B 8 -21.98 13.62 -0.92
N GLN B 9 -22.01 14.78 -1.55
CA GLN B 9 -23.02 15.81 -1.25
C GLN B 9 -23.73 16.17 -2.54
N VAL B 10 -25.05 15.96 -2.55
CA VAL B 10 -25.88 16.28 -3.71
C VAL B 10 -26.75 17.48 -3.38
N TYR B 11 -26.55 18.56 -4.13
CA TYR B 11 -27.17 19.85 -3.80
C TYR B 11 -27.31 20.75 -5.02
N SER B 12 -28.14 21.78 -4.88
CA SER B 12 -28.32 22.81 -5.90
C SER B 12 -27.43 24.02 -5.61
N ARG B 13 -27.19 24.83 -6.64
CA ARG B 13 -26.41 26.07 -6.49
C ARG B 13 -27.18 27.07 -5.63
N HIS B 14 -28.40 27.40 -6.07
CA HIS B 14 -29.28 28.31 -5.35
C HIS B 14 -30.34 27.53 -4.56
N PRO B 15 -31.05 28.20 -3.63
CA PRO B 15 -32.23 27.58 -3.04
C PRO B 15 -33.23 27.15 -4.12
N ALA B 16 -33.58 25.86 -4.11
CA ALA B 16 -34.37 25.24 -5.18
C ALA B 16 -35.77 25.82 -5.33
N GLU B 17 -36.13 26.13 -6.56
CA GLU B 17 -37.47 26.61 -6.91
C GLU B 17 -38.08 25.78 -8.02
N ASN B 18 -39.29 25.27 -7.79
CA ASN B 18 -40.01 24.50 -8.80
C ASN B 18 -40.31 25.35 -10.03
N GLY B 19 -39.96 24.83 -11.20
CA GLY B 19 -40.17 25.53 -12.46
C GLY B 19 -39.06 26.50 -12.84
N LYS B 20 -38.20 26.84 -11.88
CA LYS B 20 -37.11 27.80 -12.10
C LYS B 20 -35.75 27.13 -12.22
N PRO B 21 -35.03 27.39 -13.34
CA PRO B 21 -33.66 26.95 -13.59
C PRO B 21 -32.71 27.14 -12.41
N ASN B 22 -31.85 26.14 -12.23
CA ASN B 22 -30.84 26.14 -11.18
C ASN B 22 -29.64 25.36 -11.72
N PHE B 23 -28.71 25.02 -10.85
CA PHE B 23 -27.60 24.14 -11.20
C PHE B 23 -27.54 23.02 -10.17
N LEU B 24 -27.40 21.79 -10.64
CA LEU B 24 -27.27 20.63 -9.75
C LEU B 24 -25.79 20.29 -9.57
N ASN B 25 -25.43 19.97 -8.33
CA ASN B 25 -24.04 19.70 -7.97
C ASN B 25 -23.89 18.36 -7.24
N CYS B 26 -23.03 17.50 -7.77
CA CYS B 26 -22.58 16.33 -7.02
C CYS B 26 -21.12 16.49 -6.64
N TYR B 27 -20.88 16.81 -5.36
CA TYR B 27 -19.54 16.98 -4.82
C TYR B 27 -19.05 15.73 -4.11
N VAL B 28 -17.98 15.14 -4.63
CA VAL B 28 -17.42 13.89 -4.10
C VAL B 28 -16.02 14.14 -3.57
N SER B 29 -15.81 13.90 -2.28
CA SER B 29 -14.57 14.27 -1.61
C SER B 29 -14.02 13.19 -0.67
N GLY B 30 -12.73 13.31 -0.34
CA GLY B 30 -12.10 12.45 0.64
C GLY B 30 -11.90 11.01 0.21
N PHE B 31 -11.86 10.77 -1.09
CA PHE B 31 -11.69 9.42 -1.62
C PHE B 31 -10.26 9.14 -2.12
N HIS B 32 -9.85 7.89 -1.96
CA HIS B 32 -8.56 7.41 -2.43
C HIS B 32 -8.75 5.91 -2.67
N PRO B 33 -8.33 5.38 -3.83
CA PRO B 33 -7.55 6.08 -4.85
C PRO B 33 -8.37 6.99 -5.77
N PRO B 34 -7.74 7.56 -6.82
CA PRO B 34 -8.43 8.57 -7.63
C PRO B 34 -9.34 8.02 -8.74
N GLU B 35 -9.31 6.72 -9.01
CA GLU B 35 -10.28 6.13 -9.93
C GLU B 35 -11.66 6.29 -9.32
N ILE B 36 -12.61 6.73 -10.14
CA ILE B 36 -13.99 6.94 -9.69
C ILE B 36 -14.92 7.12 -10.89
N GLU B 37 -16.17 6.69 -10.74
CA GLU B 37 -17.20 6.96 -11.73
C GLU B 37 -18.32 7.74 -11.06
N ILE B 38 -18.44 9.01 -11.41
CA ILE B 38 -19.49 9.87 -10.85
C ILE B 38 -20.42 10.33 -11.96
N ASP B 39 -21.71 10.08 -11.79
CA ASP B 39 -22.73 10.45 -12.77
C ASP B 39 -23.91 11.09 -12.06
N LEU B 40 -24.51 12.08 -12.69
CA LEU B 40 -25.77 12.63 -12.20
C LEU B 40 -26.93 12.01 -12.96
N LEU B 41 -27.95 11.60 -12.21
CA LEU B 41 -29.08 10.86 -12.77
C LEU B 41 -30.40 11.60 -12.65
N LYS B 42 -31.10 11.75 -13.76
CA LYS B 42 -32.48 12.22 -13.77
C LYS B 42 -33.41 11.03 -14.00
N ASN B 43 -34.32 10.82 -13.05
CA ASN B 43 -35.22 9.65 -13.06
C ASN B 43 -34.50 8.32 -13.30
N GLY B 44 -33.29 8.22 -12.75
CA GLY B 44 -32.47 7.01 -12.91
C GLY B 44 -31.60 7.02 -14.15
N LYS B 45 -31.96 7.87 -15.12
CA LYS B 45 -31.22 7.96 -16.38
C LYS B 45 -30.09 9.00 -16.30
N GLU B 46 -29.00 8.73 -17.01
CA GLU B 46 -27.77 9.52 -16.94
C GLU B 46 -27.92 10.93 -17.55
N MET B 47 -27.26 11.90 -16.94
CA MET B 47 -27.34 13.29 -17.39
C MET B 47 -26.06 13.78 -18.06
N LYS B 48 -26.21 14.64 -19.07
CA LYS B 48 -25.08 15.42 -19.59
C LYS B 48 -24.65 16.40 -18.52
N ALA B 49 -23.48 16.13 -17.93
CA ALA B 49 -22.90 16.99 -16.90
C ALA B 49 -21.40 17.18 -17.16
N GLU B 50 -20.80 18.13 -16.44
CA GLU B 50 -19.38 18.40 -16.57
C GLU B 50 -18.63 18.03 -15.30
N GLN B 51 -17.37 17.67 -15.45
CA GLN B 51 -16.55 17.26 -14.32
C GLN B 51 -15.35 18.19 -14.16
N THR B 52 -15.10 18.60 -12.92
CA THR B 52 -13.92 19.41 -12.60
C THR B 52 -12.66 18.56 -12.73
N ASP B 53 -11.52 19.21 -12.78
CA ASP B 53 -10.22 18.54 -12.87
C ASP B 53 -9.87 17.90 -11.52
N LEU B 54 -9.16 16.78 -11.58
CA LEU B 54 -8.80 16.04 -10.36
C LEU B 54 -7.84 16.81 -9.45
N SER B 55 -8.24 16.94 -8.20
CA SER B 55 -7.42 17.60 -7.19
C SER B 55 -7.61 16.93 -5.84
N PHE B 56 -6.74 17.25 -4.89
CA PHE B 56 -6.75 16.59 -3.59
C PHE B 56 -6.57 17.55 -2.41
N SER B 57 -6.97 17.08 -1.24
CA SER B 57 -6.87 17.86 -0.01
C SER B 57 -5.49 17.77 0.64
N LYS B 58 -5.40 18.31 1.85
CA LYS B 58 -4.15 18.34 2.62
C LYS B 58 -3.73 16.93 3.07
N ASP B 59 -4.71 16.08 3.37
CA ASP B 59 -4.46 14.69 3.75
C ASP B 59 -4.35 13.76 2.55
N TRP B 60 -4.10 14.35 1.37
CA TRP B 60 -3.93 13.64 0.10
C TRP B 60 -5.20 13.08 -0.54
N THR B 61 -6.30 13.02 0.22
CA THR B 61 -7.56 12.50 -0.29
C THR B 61 -8.13 13.41 -1.39
N PHE B 62 -8.67 12.80 -2.43
CA PHE B 62 -9.13 13.52 -3.61
C PHE B 62 -10.54 14.08 -3.49
N TYR B 63 -10.81 15.14 -4.25
CA TYR B 63 -12.15 15.70 -4.35
C TYR B 63 -12.47 16.08 -5.80
N LEU B 64 -13.73 15.89 -6.18
CA LEU B 64 -14.15 16.08 -7.55
C LEU B 64 -15.61 16.50 -7.60
N LEU B 65 -15.91 17.46 -8.48
CA LEU B 65 -17.26 18.00 -8.61
C LEU B 65 -17.82 17.82 -10.00
N VAL B 66 -18.96 17.14 -10.08
CA VAL B 66 -19.70 16.98 -11.32
C VAL B 66 -20.94 17.84 -11.22
N HIS B 67 -21.24 18.59 -12.28
CA HIS B 67 -22.27 19.62 -12.23
C HIS B 67 -22.96 19.82 -13.56
N THR B 68 -24.24 20.18 -13.48
CA THR B 68 -25.05 20.51 -14.64
C THR B 68 -26.23 21.39 -14.22
N GLU B 69 -26.77 22.13 -15.17
CA GLU B 69 -27.96 22.93 -14.94
C GLU B 69 -29.21 22.06 -14.97
N PHE B 70 -30.22 22.44 -14.19
CA PHE B 70 -31.44 21.66 -14.12
C PHE B 70 -32.62 22.51 -13.63
N THR B 71 -33.83 22.06 -13.93
CA THR B 71 -35.02 22.70 -13.39
C THR B 71 -35.71 21.77 -12.40
N PRO B 72 -35.67 22.15 -11.09
CA PRO B 72 -36.40 21.47 -10.03
C PRO B 72 -37.87 21.29 -10.38
N ASN B 73 -38.39 20.08 -10.11
CA ASN B 73 -39.69 19.69 -10.60
C ASN B 73 -40.36 18.74 -9.62
N GLU B 74 -41.64 18.99 -9.34
CA GLU B 74 -42.46 18.16 -8.47
C GLU B 74 -42.51 16.70 -8.92
N GLN B 75 -42.36 16.48 -10.22
CA GLN B 75 -42.48 15.16 -10.84
C GLN B 75 -41.15 14.52 -11.21
N ASP B 76 -40.04 15.22 -11.01
CA ASP B 76 -38.73 14.69 -11.38
C ASP B 76 -37.87 14.30 -10.18
N GLU B 77 -37.00 13.34 -10.38
CA GLU B 77 -36.18 12.77 -9.29
C GLU B 77 -34.71 12.68 -9.64
N PHE B 78 -33.89 13.37 -8.85
CA PHE B 78 -32.48 13.54 -9.16
C PHE B 78 -31.58 12.76 -8.20
N SER B 79 -30.51 12.18 -8.76
CA SER B 79 -29.61 11.33 -8.03
C SER B 79 -28.18 11.42 -8.53
N CYS B 80 -27.26 10.93 -7.71
CA CYS B 80 -25.86 10.84 -8.07
C CYS B 80 -25.32 9.45 -7.80
N ARG B 81 -24.82 8.82 -8.85
CA ARG B 81 -24.26 7.49 -8.77
C ARG B 81 -22.75 7.59 -8.66
N VAL B 82 -22.19 6.94 -7.64
CA VAL B 82 -20.74 6.95 -7.42
C VAL B 82 -20.20 5.52 -7.30
N LYS B 83 -19.42 5.13 -8.30
CA LYS B 83 -18.76 3.83 -8.31
C LYS B 83 -17.28 4.03 -7.97
N HIS B 84 -16.80 3.26 -7.00
CA HIS B 84 -15.43 3.38 -6.50
C HIS B 84 -14.95 2.04 -5.95
N VAL B 85 -13.63 1.84 -5.97
CA VAL B 85 -13.01 0.58 -5.58
C VAL B 85 -13.36 0.13 -4.15
N THR B 86 -13.61 1.10 -3.27
CA THR B 86 -13.85 0.80 -1.86
C THR B 86 -15.32 0.47 -1.56
N LEU B 87 -16.21 0.79 -2.50
CA LEU B 87 -17.62 0.50 -2.34
C LEU B 87 -17.95 -0.80 -3.04
N SER B 88 -18.59 -1.71 -2.31
CA SER B 88 -18.97 -3.03 -2.82
C SER B 88 -19.98 -2.93 -3.97
N GLU B 89 -20.74 -1.84 -3.97
CA GLU B 89 -21.75 -1.56 -4.97
C GLU B 89 -21.90 -0.04 -5.13
N PRO B 90 -22.25 0.43 -6.33
CA PRO B 90 -22.36 1.88 -6.56
C PRO B 90 -23.23 2.59 -5.51
N GLN B 91 -22.74 3.72 -5.01
CA GLN B 91 -23.47 4.53 -4.03
C GLN B 91 -24.44 5.48 -4.75
N ILE B 92 -25.69 5.49 -4.32
CA ILE B 92 -26.71 6.38 -4.90
C ILE B 92 -27.31 7.31 -3.84
N VAL B 93 -26.97 8.58 -3.96
CA VAL B 93 -27.42 9.60 -3.03
C VAL B 93 -28.43 10.49 -3.74
N LYS B 94 -29.69 10.39 -3.33
CA LYS B 94 -30.75 11.19 -3.94
C LYS B 94 -30.69 12.66 -3.52
N TRP B 95 -31.17 13.53 -4.41
CA TRP B 95 -31.18 14.96 -4.15
C TRP B 95 -32.34 15.36 -3.24
N ASP B 96 -32.02 16.16 -2.23
CA ASP B 96 -33.00 16.75 -1.35
C ASP B 96 -32.85 18.26 -1.43
N ARG B 97 -33.94 18.94 -1.80
CA ARG B 97 -33.93 20.39 -1.93
C ARG B 97 -33.69 21.10 -0.60
N ASP B 98 -34.40 20.66 0.44
CA ASP B 98 -34.35 21.28 1.77
C ASP B 98 -32.92 21.37 2.31
N ASN B 99 -32.14 20.31 2.09
CA ASN B 99 -30.75 20.20 2.55
C ASN B 99 -30.47 20.89 3.88
N ARG C 1 4.36 29.74 -13.09
CA ARG C 1 5.15 28.81 -13.94
C ARG C 1 5.48 27.54 -13.14
N THR C 2 5.09 26.39 -13.68
CA THR C 2 5.47 25.10 -13.08
C THR C 2 6.99 24.94 -13.09
N ILE C 3 7.51 24.25 -12.08
CA ILE C 3 8.95 23.99 -11.97
C ILE C 3 9.41 23.11 -13.13
N SER C 4 10.48 23.54 -13.79
CA SER C 4 10.98 22.86 -14.99
C SER C 4 11.58 21.48 -14.70
N TYR C 5 12.07 21.26 -13.49
CA TYR C 5 12.71 20.00 -13.14
C TYR C 5 12.22 19.38 -11.84
N THR C 6 12.08 18.05 -11.87
CA THR C 6 11.79 17.25 -10.67
C THR C 6 12.87 16.18 -10.52
N TYR C 7 13.29 15.93 -9.29
CA TYR C 7 14.33 14.95 -9.04
C TYR C 7 13.73 13.56 -8.82
N PRO C 8 14.14 12.57 -9.63
CA PRO C 8 13.56 11.22 -9.54
C PRO C 8 13.79 10.56 -8.18
N PHE C 9 12.83 9.75 -7.75
CA PHE C 9 12.91 9.01 -6.49
C PHE C 9 14.03 7.98 -6.49
N GLY D 1 24.84 -13.19 17.05
CA GLY D 1 24.29 -14.56 16.92
C GLY D 1 24.75 -15.28 15.66
N SER D 2 24.10 -16.40 15.35
CA SER D 2 24.39 -17.18 14.16
C SER D 2 23.70 -16.59 12.94
N HIS D 3 24.41 -16.55 11.81
CA HIS D 3 23.87 -15.97 10.58
C HIS D 3 24.08 -16.85 9.36
N SER D 4 23.20 -16.68 8.38
CA SER D 4 23.12 -17.57 7.21
C SER D 4 22.88 -16.86 5.88
N LEU D 5 23.41 -17.44 4.81
CA LEU D 5 23.13 -17.01 3.45
C LEU D 5 22.64 -18.22 2.65
N ARG D 6 21.37 -18.18 2.24
CA ARG D 6 20.82 -19.26 1.43
C ARG D 6 20.22 -18.74 0.13
N TYR D 7 20.43 -19.51 -0.93
CA TYR D 7 19.76 -19.27 -2.21
C TYR D 7 18.83 -20.42 -2.52
N PHE D 8 17.65 -20.09 -3.03
CA PHE D 8 16.61 -21.07 -3.29
C PHE D 8 16.19 -20.98 -4.75
N TYR D 9 16.57 -21.98 -5.53
CA TYR D 9 16.20 -22.04 -6.94
C TYR D 9 15.00 -22.92 -7.14
N THR D 10 14.08 -22.47 -8.01
CA THR D 10 12.92 -23.26 -8.38
C THR D 10 12.83 -23.32 -9.90
N SER D 11 12.86 -24.54 -10.43
CA SER D 11 12.77 -24.76 -11.87
C SER D 11 11.60 -25.66 -12.19
N VAL D 12 10.65 -25.12 -12.96
CA VAL D 12 9.41 -25.82 -13.29
C VAL D 12 9.23 -25.87 -14.80
N SER D 13 9.03 -27.08 -15.33
CA SER D 13 8.77 -27.27 -16.75
C SER D 13 7.33 -26.90 -17.12
N ARG D 14 7.20 -26.11 -18.18
CA ARG D 14 5.90 -25.85 -18.80
C ARG D 14 5.82 -26.68 -20.07
N PRO D 15 5.08 -27.81 -20.04
CA PRO D 15 5.02 -28.64 -21.24
C PRO D 15 3.96 -28.13 -22.21
N GLY D 16 4.38 -27.84 -23.44
CA GLY D 16 3.47 -27.33 -24.47
C GLY D 16 2.97 -25.91 -24.23
N ARG D 17 3.42 -25.30 -23.14
CA ARG D 17 3.08 -23.92 -22.79
C ARG D 17 4.36 -23.07 -22.67
N GLY D 18 5.29 -23.26 -23.60
CA GLY D 18 6.50 -22.44 -23.65
C GLY D 18 7.56 -22.75 -22.60
N ASP D 19 8.58 -21.88 -22.56
CA ASP D 19 9.76 -22.02 -21.70
C ASP D 19 9.44 -22.41 -20.26
N PRO D 20 10.27 -23.27 -19.66
CA PRO D 20 10.14 -23.61 -18.24
C PRO D 20 10.50 -22.43 -17.34
N ARG D 21 9.76 -22.27 -16.26
CA ARG D 21 9.98 -21.15 -15.35
C ARG D 21 11.18 -21.37 -14.42
N PHE D 22 11.88 -20.28 -14.15
CA PHE D 22 13.02 -20.31 -13.22
C PHE D 22 12.91 -19.16 -12.22
N ILE D 23 12.70 -19.49 -10.96
CA ILE D 23 12.65 -18.49 -9.88
C ILE D 23 13.84 -18.67 -8.93
N ALA D 24 14.37 -17.55 -8.45
CA ALA D 24 15.50 -17.56 -7.54
C ALA D 24 15.33 -16.54 -6.42
N VAL D 25 15.46 -16.98 -5.18
CA VAL D 25 15.38 -16.08 -4.03
C VAL D 25 16.56 -16.28 -3.08
N GLY D 26 17.00 -15.17 -2.50
CA GLY D 26 18.07 -15.18 -1.50
C GLY D 26 17.56 -14.67 -0.17
N TYR D 27 17.95 -15.35 0.91
CA TYR D 27 17.66 -14.92 2.26
C TYR D 27 18.94 -14.75 3.06
N VAL D 28 19.05 -13.65 3.79
CA VAL D 28 20.07 -13.55 4.82
C VAL D 28 19.30 -13.89 6.07
N ASP D 29 19.63 -15.02 6.67
CA ASP D 29 18.84 -15.47 7.79
C ASP D 29 17.40 -15.62 7.33
N ASP D 30 16.47 -14.96 8.00
CA ASP D 30 15.07 -15.04 7.69
C ASP D 30 14.53 -13.86 6.88
N THR D 31 15.43 -13.06 6.32
CA THR D 31 15.03 -11.93 5.49
C THR D 31 15.40 -12.09 4.01
N GLN D 32 14.41 -12.04 3.13
CA GLN D 32 14.65 -12.13 1.68
C GLN D 32 15.28 -10.81 1.22
N PHE D 33 16.36 -10.93 0.44
CA PHE D 33 17.11 -9.73 0.03
C PHE D 33 17.25 -9.57 -1.48
N VAL D 34 17.26 -10.69 -2.21
CA VAL D 34 17.30 -10.66 -3.67
C VAL D 34 16.22 -11.54 -4.30
N ARG D 35 16.00 -11.34 -5.60
CA ARG D 35 14.95 -12.05 -6.34
C ARG D 35 15.20 -12.06 -7.84
N PHE D 36 14.87 -13.18 -8.48
CA PHE D 36 14.81 -13.28 -9.93
C PHE D 36 13.62 -14.14 -10.36
N ASP D 37 13.00 -13.75 -11.48
CA ASP D 37 11.91 -14.51 -12.08
C ASP D 37 12.11 -14.48 -13.59
N SER D 38 12.14 -15.65 -14.20
CA SER D 38 12.33 -15.78 -15.64
C SER D 38 11.16 -15.18 -16.42
N ASP D 39 10.02 -15.02 -15.74
CA ASP D 39 8.82 -14.47 -16.35
C ASP D 39 8.69 -12.96 -16.19
N ALA D 40 9.61 -12.35 -15.43
CA ALA D 40 9.59 -10.90 -15.21
C ALA D 40 10.02 -10.15 -16.47
N ALA D 41 9.33 -9.05 -16.75
CA ALA D 41 9.58 -8.24 -17.94
C ALA D 41 11.00 -7.68 -17.98
N THR D 42 11.44 -7.14 -16.84
CA THR D 42 12.79 -6.56 -16.71
C THR D 42 13.88 -7.60 -16.96
N GLY D 43 13.64 -8.83 -16.51
CA GLY D 43 14.61 -9.91 -16.58
C GLY D 43 15.86 -9.59 -15.80
N ARG D 44 15.66 -9.05 -14.59
CA ARG D 44 16.77 -8.58 -13.77
C ARG D 44 16.71 -9.17 -12.36
N MET D 45 17.87 -9.42 -11.77
CA MET D 45 17.95 -9.66 -10.33
C MET D 45 17.54 -8.36 -9.65
N GLU D 46 16.63 -8.47 -8.68
CA GLU D 46 16.01 -7.30 -8.07
C GLU D 46 16.19 -7.33 -6.55
N PRO D 47 16.40 -6.15 -5.94
CA PRO D 47 16.47 -6.08 -4.48
C PRO D 47 15.10 -6.27 -3.83
N ARG D 48 15.08 -6.96 -2.69
CA ARG D 48 13.84 -7.14 -1.93
C ARG D 48 13.91 -6.43 -0.59
N ALA D 49 15.12 -6.25 -0.08
CA ALA D 49 15.34 -5.52 1.16
C ALA D 49 15.85 -4.12 0.86
N PRO D 50 15.36 -3.10 1.60
CA PRO D 50 15.75 -1.71 1.37
C PRO D 50 17.25 -1.47 1.50
N TRP D 51 17.89 -2.18 2.42
CA TRP D 51 19.32 -2.03 2.68
C TRP D 51 20.21 -2.58 1.54
N MET D 52 19.57 -3.15 0.52
CA MET D 52 20.29 -3.70 -0.62
C MET D 52 20.60 -2.67 -1.71
N GLU D 53 19.81 -1.60 -1.77
CA GLU D 53 20.03 -0.53 -2.75
C GLU D 53 21.39 0.15 -2.60
N GLN D 54 22.12 -0.25 -1.56
CA GLN D 54 23.51 0.19 -1.36
C GLN D 54 24.42 -0.30 -2.48
N GLU D 55 24.12 -1.48 -3.02
CA GLU D 55 24.87 -2.05 -4.14
C GLU D 55 24.62 -1.26 -5.43
N GLY D 56 25.62 -1.25 -6.30
CA GLY D 56 25.55 -0.51 -7.56
C GLY D 56 25.19 -1.38 -8.77
N PRO D 57 25.00 -0.74 -9.94
CA PRO D 57 24.55 -1.41 -11.17
C PRO D 57 25.41 -2.59 -11.57
N GLU D 58 26.70 -2.55 -11.25
CA GLU D 58 27.62 -3.64 -11.58
C GLU D 58 27.42 -4.88 -10.70
N TYR D 59 26.81 -4.68 -9.54
CA TYR D 59 26.42 -5.81 -8.69
C TYR D 59 25.29 -6.59 -9.34
N TRP D 60 24.26 -5.87 -9.78
CA TRP D 60 23.10 -6.52 -10.39
C TRP D 60 23.30 -6.92 -11.84
N ASP D 61 24.32 -6.34 -12.47
CA ASP D 61 24.72 -6.77 -13.80
C ASP D 61 25.40 -8.15 -13.66
N ARG D 62 26.11 -8.35 -12.55
CA ARG D 62 26.78 -9.61 -12.24
C ARG D 62 25.76 -10.71 -11.93
N GLU D 63 24.76 -10.35 -11.12
CA GLU D 63 23.79 -11.31 -10.61
C GLU D 63 22.79 -11.76 -11.66
N THR D 64 22.21 -10.81 -12.39
CA THR D 64 21.31 -11.10 -13.51
C THR D 64 21.99 -12.10 -14.45
N ARG D 65 23.27 -11.88 -14.74
CA ARG D 65 24.04 -12.73 -15.64
C ARG D 65 24.15 -14.17 -15.14
N THR D 66 24.68 -14.37 -13.94
CA THR D 66 24.83 -15.71 -13.36
C THR D 66 23.48 -16.42 -13.27
N VAL D 67 22.45 -15.66 -12.93
CA VAL D 67 21.12 -16.22 -12.72
C VAL D 67 20.45 -16.60 -14.05
N LYS D 68 20.85 -15.94 -15.14
CA LYS D 68 20.33 -16.26 -16.48
C LYS D 68 21.07 -17.44 -17.10
N GLU D 69 22.38 -17.53 -16.85
CA GLU D 69 23.19 -18.69 -17.24
C GLU D 69 22.61 -19.96 -16.63
N THR D 70 22.42 -19.90 -15.31
CA THR D 70 21.93 -21.03 -14.51
C THR D 70 20.58 -21.52 -15.03
N ALA D 71 19.70 -20.57 -15.36
CA ALA D 71 18.38 -20.87 -15.92
C ALA D 71 18.47 -21.70 -17.20
N GLN D 72 19.42 -21.35 -18.07
CA GLN D 72 19.67 -22.11 -19.30
C GLN D 72 20.25 -23.49 -19.01
N ARG D 73 21.08 -23.58 -17.97
CA ARG D 73 21.64 -24.86 -17.54
C ARG D 73 20.55 -25.74 -16.93
N TYR D 74 19.68 -25.13 -16.13
CA TYR D 74 18.60 -25.84 -15.43
C TYR D 74 17.48 -26.27 -16.38
N ARG D 75 17.47 -25.68 -17.58
CA ARG D 75 16.54 -26.05 -18.63
C ARG D 75 16.91 -27.43 -19.17
N VAL D 76 18.21 -27.65 -19.36
CA VAL D 76 18.76 -28.92 -19.84
C VAL D 76 18.69 -29.98 -18.74
N ASP D 77 19.08 -29.60 -17.53
CA ASP D 77 19.01 -30.51 -16.37
C ASP D 77 17.62 -31.10 -16.24
N LEU D 78 16.61 -30.28 -16.55
CA LEU D 78 15.21 -30.68 -16.52
C LEU D 78 14.92 -31.77 -17.56
N ASP D 79 15.50 -31.63 -18.75
CA ASP D 79 15.35 -32.61 -19.83
C ASP D 79 16.08 -33.92 -19.51
N THR D 80 17.29 -33.79 -18.97
CA THR D 80 18.09 -34.92 -18.52
C THR D 80 17.29 -35.78 -17.53
N LEU D 81 16.60 -35.11 -16.62
CA LEU D 81 15.79 -35.75 -15.58
C LEU D 81 14.60 -36.54 -16.12
N ARG D 82 14.04 -36.09 -17.25
CA ARG D 82 13.03 -36.87 -17.96
C ARG D 82 13.65 -38.18 -18.43
N GLY D 83 14.82 -38.06 -19.06
CA GLY D 83 15.57 -39.21 -19.55
C GLY D 83 15.88 -40.22 -18.47
N TYR D 84 16.24 -39.72 -17.28
CA TYR D 84 16.54 -40.58 -16.14
C TYR D 84 15.29 -41.34 -15.66
N TYR D 85 14.22 -40.61 -15.36
CA TYR D 85 13.03 -41.25 -14.79
C TYR D 85 12.05 -41.77 -15.86
N ASN D 86 12.49 -41.83 -17.10
CA ASN D 86 11.68 -42.28 -18.24
C ASN D 86 10.34 -41.56 -18.32
N GLN D 87 10.36 -40.27 -17.99
CA GLN D 87 9.13 -39.50 -17.80
C GLN D 87 8.58 -38.90 -19.08
N SER D 88 7.25 -38.99 -19.20
CA SER D 88 6.48 -38.48 -20.32
C SER D 88 6.77 -37.00 -20.60
N GLU D 89 6.56 -36.61 -21.86
CA GLU D 89 6.73 -35.22 -22.25
C GLU D 89 5.56 -34.35 -21.78
N ALA D 90 4.45 -35.00 -21.42
CA ALA D 90 3.19 -34.31 -21.10
C ALA D 90 3.16 -33.66 -19.72
N GLY D 91 3.69 -34.33 -18.71
CA GLY D 91 3.60 -33.86 -17.32
C GLY D 91 4.63 -32.80 -16.96
N SER D 92 4.23 -31.89 -16.07
CA SER D 92 5.13 -30.87 -15.53
C SER D 92 5.91 -31.45 -14.36
N HIS D 93 7.16 -31.02 -14.23
CA HIS D 93 8.03 -31.48 -13.14
C HIS D 93 8.81 -30.32 -12.53
N THR D 94 9.36 -30.57 -11.33
CA THR D 94 9.97 -29.51 -10.55
C THR D 94 11.31 -29.94 -9.95
N ARG D 95 12.36 -29.22 -10.32
CA ARG D 95 13.62 -29.36 -9.62
C ARG D 95 13.90 -28.14 -8.76
N GLN D 96 14.46 -28.39 -7.57
CA GLN D 96 14.79 -27.34 -6.63
C GLN D 96 16.26 -27.42 -6.24
N THR D 97 16.84 -26.28 -5.92
CA THR D 97 18.19 -26.22 -5.38
C THR D 97 18.23 -25.17 -4.29
N MET D 98 18.72 -25.56 -3.12
CA MET D 98 19.11 -24.58 -2.13
C MET D 98 20.56 -24.83 -1.74
N TYR D 99 21.29 -23.74 -1.56
CA TYR D 99 22.67 -23.77 -1.12
C TYR D 99 22.98 -22.55 -0.26
N GLY D 100 24.05 -22.62 0.52
CA GLY D 100 24.46 -21.47 1.31
C GLY D 100 25.33 -21.72 2.52
N CYS D 101 25.37 -20.73 3.41
CA CYS D 101 26.36 -20.67 4.49
C CYS D 101 25.76 -20.52 5.88
N ASP D 102 26.43 -21.14 6.85
CA ASP D 102 26.15 -20.91 8.26
C ASP D 102 27.43 -20.54 8.99
N LEU D 103 27.34 -19.51 9.83
CA LEU D 103 28.43 -19.16 10.74
C LEU D 103 27.89 -19.00 12.16
N GLY D 104 28.79 -19.02 13.14
CA GLY D 104 28.39 -18.86 14.53
C GLY D 104 28.43 -17.39 14.94
N PRO D 105 28.49 -17.14 16.26
CA PRO D 105 28.81 -15.79 16.74
C PRO D 105 30.31 -15.51 16.62
N GLY D 106 31.09 -16.59 16.50
CA GLY D 106 32.52 -16.51 16.21
C GLY D 106 32.77 -16.01 14.80
N GLY D 107 31.79 -16.22 13.92
CA GLY D 107 31.78 -15.61 12.59
C GLY D 107 32.46 -16.36 11.47
N ARG D 108 33.02 -17.53 11.75
CA ARG D 108 33.59 -18.37 10.69
C ARG D 108 32.65 -19.54 10.37
N LEU D 109 32.84 -20.14 9.20
CA LEU D 109 31.94 -21.18 8.68
C LEU D 109 31.67 -22.31 9.67
N LEU D 110 30.39 -22.58 9.88
CA LEU D 110 29.95 -23.74 10.66
C LEU D 110 29.45 -24.84 9.74
N ARG D 111 28.61 -24.45 8.78
CA ARG D 111 27.98 -25.38 7.87
C ARG D 111 27.88 -24.81 6.46
N GLY D 112 28.10 -25.68 5.48
CA GLY D 112 27.93 -25.33 4.07
C GLY D 112 26.92 -26.28 3.46
N TYR D 113 26.12 -25.78 2.54
CA TYR D 113 25.04 -26.56 1.94
C TYR D 113 25.01 -26.44 0.43
N SER D 114 24.69 -27.55 -0.23
CA SER D 114 24.37 -27.60 -1.65
C SER D 114 23.50 -28.82 -1.90
N GLN D 115 22.19 -28.59 -1.94
CA GLN D 115 21.20 -29.67 -2.01
C GLN D 115 20.30 -29.52 -3.22
N ASP D 116 19.77 -30.65 -3.70
CA ASP D 116 18.89 -30.65 -4.87
C ASP D 116 17.72 -31.61 -4.68
N ALA D 117 16.58 -31.22 -5.22
CA ALA D 117 15.38 -32.06 -5.19
C ALA D 117 14.70 -32.13 -6.55
N TYR D 118 14.19 -33.31 -6.86
CA TYR D 118 13.33 -33.48 -8.02
C TYR D 118 11.99 -34.06 -7.57
N ASP D 119 10.91 -33.42 -8.03
CA ASP D 119 9.54 -33.80 -7.70
C ASP D 119 9.27 -33.95 -6.19
N GLY D 120 9.71 -32.95 -5.42
CA GLY D 120 9.43 -32.87 -3.98
C GLY D 120 10.12 -33.88 -3.09
N ALA D 121 11.15 -34.54 -3.60
CA ALA D 121 11.95 -35.48 -2.83
C ALA D 121 13.42 -35.26 -3.12
N ASP D 122 14.28 -35.60 -2.16
CA ASP D 122 15.72 -35.46 -2.32
C ASP D 122 16.20 -36.06 -3.64
N TYR D 123 17.13 -35.38 -4.30
CA TYR D 123 17.79 -35.94 -5.47
C TYR D 123 19.28 -36.16 -5.13
N ILE D 124 19.99 -35.07 -4.88
CA ILE D 124 21.40 -35.13 -4.50
C ILE D 124 21.76 -34.02 -3.51
N ALA D 125 22.60 -34.36 -2.53
CA ALA D 125 23.01 -33.41 -1.51
C ALA D 125 24.49 -33.52 -1.20
N LEU D 126 25.11 -32.38 -0.95
CA LEU D 126 26.50 -32.32 -0.52
C LEU D 126 26.59 -32.68 0.96
N ASN D 127 27.61 -33.45 1.32
CA ASN D 127 27.78 -33.90 2.69
C ASN D 127 28.45 -32.86 3.58
N GLU D 128 28.21 -32.98 4.88
CA GLU D 128 28.75 -32.08 5.91
C GLU D 128 30.21 -31.70 5.69
N ASP D 129 30.98 -32.60 5.09
CA ASP D 129 32.41 -32.41 4.87
C ASP D 129 32.78 -31.58 3.64
N LEU D 130 31.77 -31.21 2.85
CA LEU D 130 31.95 -30.48 1.58
C LEU D 130 32.91 -31.19 0.62
N ARG D 131 33.01 -32.51 0.74
CA ARG D 131 33.91 -33.31 -0.08
C ARG D 131 33.14 -34.29 -0.95
N SER D 132 32.11 -34.91 -0.38
CA SER D 132 31.41 -36.03 -1.00
C SER D 132 29.92 -35.76 -1.16
N TRP D 133 29.23 -36.66 -1.86
CA TRP D 133 27.81 -36.49 -2.14
C TRP D 133 26.95 -37.63 -1.60
N THR D 134 25.67 -37.35 -1.44
CA THR D 134 24.67 -38.36 -1.11
C THR D 134 23.64 -38.41 -2.25
N ALA D 135 23.46 -39.59 -2.83
CA ALA D 135 22.54 -39.80 -3.94
C ALA D 135 21.29 -40.55 -3.50
N ALA D 136 20.12 -39.95 -3.73
CA ALA D 136 18.85 -40.50 -3.24
C ALA D 136 18.42 -41.79 -3.96
N ASP D 137 18.71 -41.87 -5.25
CA ASP D 137 18.33 -43.04 -6.06
C ASP D 137 19.34 -43.33 -7.16
N THR D 138 19.09 -44.38 -7.94
CA THR D 138 20.00 -44.81 -9.01
C THR D 138 20.15 -43.78 -10.14
N ALA D 139 19.21 -42.85 -10.22
CA ALA D 139 19.30 -41.73 -11.16
C ALA D 139 20.28 -40.68 -10.67
N ALA D 140 20.30 -40.47 -9.36
CA ALA D 140 21.21 -39.51 -8.73
C ALA D 140 22.66 -40.00 -8.70
N GLN D 141 22.83 -41.32 -8.74
CA GLN D 141 24.15 -41.95 -8.79
C GLN D 141 24.88 -41.62 -10.07
N ILE D 142 24.14 -41.52 -11.17
CA ILE D 142 24.70 -41.12 -12.47
C ILE D 142 25.27 -39.71 -12.38
N THR D 143 24.46 -38.80 -11.81
CA THR D 143 24.88 -37.43 -11.56
C THR D 143 26.05 -37.36 -10.59
N ARG D 144 26.04 -38.23 -9.57
CA ARG D 144 27.12 -38.27 -8.59
C ARG D 144 28.45 -38.65 -9.24
N ARG D 145 28.46 -39.75 -9.99
CA ARG D 145 29.68 -40.19 -10.66
C ARG D 145 30.24 -39.14 -11.63
N LYS D 146 29.36 -38.51 -12.39
CA LYS D 146 29.80 -37.45 -13.31
C LYS D 146 30.18 -36.16 -12.55
N TRP D 147 29.71 -36.05 -11.30
CA TRP D 147 30.09 -34.92 -10.45
C TRP D 147 31.43 -35.11 -9.75
N GLU D 148 31.79 -36.37 -9.48
CA GLU D 148 33.13 -36.68 -8.96
C GLU D 148 34.18 -36.52 -10.06
N ALA D 149 33.84 -37.02 -11.25
CA ALA D 149 34.71 -36.91 -12.42
C ALA D 149 35.04 -35.46 -12.72
N ALA D 150 34.02 -34.60 -12.67
CA ALA D 150 34.20 -33.16 -12.90
C ALA D 150 34.80 -32.45 -11.67
N GLY D 151 34.79 -33.14 -10.54
CA GLY D 151 35.32 -32.58 -9.28
C GLY D 151 34.50 -31.39 -8.80
N THR D 152 33.19 -31.52 -8.87
CA THR D 152 32.26 -30.44 -8.56
C THR D 152 32.26 -30.08 -7.07
N ALA D 153 32.68 -31.02 -6.23
CA ALA D 153 32.74 -30.81 -4.79
C ALA D 153 33.76 -29.74 -4.44
N GLU D 154 34.95 -29.82 -5.05
CA GLU D 154 36.02 -28.86 -4.84
C GLU D 154 35.58 -27.43 -5.18
N HIS D 155 34.84 -27.29 -6.27
CA HIS D 155 34.34 -25.99 -6.74
C HIS D 155 33.29 -25.43 -5.78
N ASP D 156 32.33 -26.26 -5.39
CA ASP D 156 31.29 -25.88 -4.43
C ASP D 156 31.90 -25.57 -3.07
N ARG D 157 32.79 -26.45 -2.60
CA ARG D 157 33.50 -26.26 -1.33
C ARG D 157 34.20 -24.90 -1.28
N ASN D 158 34.87 -24.55 -2.38
CA ASN D 158 35.58 -23.28 -2.48
C ASN D 158 34.66 -22.06 -2.46
N TYR D 159 33.50 -22.19 -3.11
CA TYR D 159 32.48 -21.14 -3.07
C TYR D 159 31.99 -20.90 -1.64
N LEU D 160 31.71 -22.00 -0.94
CA LEU D 160 31.11 -21.93 0.38
C LEU D 160 32.02 -21.37 1.46
N GLU D 161 33.26 -21.86 1.51
CA GLU D 161 34.21 -21.47 2.56
C GLU D 161 34.77 -20.06 2.36
N THR D 162 34.56 -19.51 1.18
CA THR D 162 35.18 -18.24 0.81
C THR D 162 34.18 -17.21 0.26
N THR D 163 33.75 -17.39 -0.99
CA THR D 163 32.92 -16.42 -1.69
C THR D 163 31.62 -16.11 -0.93
N CYS D 164 30.99 -17.15 -0.41
CA CYS D 164 29.70 -17.00 0.25
C CYS D 164 29.81 -16.38 1.65
N VAL D 165 30.85 -16.72 2.40
CA VAL D 165 31.02 -16.14 3.75
C VAL D 165 31.42 -14.66 3.75
N GLU D 166 32.33 -14.29 2.85
CA GLU D 166 32.75 -12.89 2.69
C GLU D 166 31.57 -12.04 2.32
N TRP D 167 30.77 -12.53 1.37
CA TRP D 167 29.59 -11.82 0.89
C TRP D 167 28.50 -11.76 1.95
N LEU D 168 28.41 -12.80 2.78
CA LEU D 168 27.49 -12.78 3.91
C LEU D 168 27.85 -11.69 4.92
N ARG D 169 29.16 -11.48 5.13
CA ARG D 169 29.64 -10.42 6.01
C ARG D 169 29.28 -9.03 5.46
N ARG D 170 29.55 -8.81 4.18
CA ARG D 170 29.19 -7.56 3.51
C ARG D 170 27.69 -7.28 3.59
N TYR D 171 26.89 -8.35 3.54
CA TYR D 171 25.43 -8.24 3.71
C TYR D 171 25.06 -7.83 5.12
N LEU D 172 25.74 -8.41 6.11
CA LEU D 172 25.48 -8.11 7.52
C LEU D 172 25.91 -6.70 7.92
N GLU D 173 26.80 -6.10 7.13
CA GLU D 173 27.20 -4.72 7.35
C GLU D 173 26.21 -3.76 6.70
N MET D 174 25.78 -4.10 5.49
CA MET D 174 24.78 -3.32 4.76
C MET D 174 23.45 -3.29 5.49
N GLY D 175 23.10 -4.41 6.10
CA GLY D 175 21.84 -4.60 6.79
C GLY D 175 21.89 -4.42 8.28
N LYS D 176 22.95 -3.77 8.77
CA LYS D 176 23.35 -3.86 10.15
C LYS D 176 22.24 -3.45 11.12
N GLU D 177 21.54 -2.37 10.79
CA GLU D 177 20.43 -1.92 11.60
C GLU D 177 19.25 -2.90 11.61
N THR D 178 18.96 -3.49 10.47
CA THR D 178 17.80 -4.36 10.27
C THR D 178 18.12 -5.82 10.59
N LEU D 179 19.38 -6.21 10.43
CA LEU D 179 19.75 -7.63 10.47
C LEU D 179 20.34 -8.11 11.79
N LEU D 180 21.09 -7.24 12.47
CA LEU D 180 21.73 -7.61 13.74
C LEU D 180 20.83 -7.37 14.95
N ARG D 181 19.66 -6.75 14.70
CA ARG D 181 18.59 -6.67 15.69
C ARG D 181 18.20 -8.07 16.15
N ALA D 182 17.90 -8.21 17.43
CA ALA D 182 17.25 -9.41 17.93
C ALA D 182 15.87 -8.99 18.39
N GLU D 183 14.87 -9.80 18.05
CA GLU D 183 13.51 -9.50 18.47
C GLU D 183 12.93 -10.65 19.30
N PRO D 184 12.62 -10.37 20.57
CA PRO D 184 12.02 -11.37 21.44
C PRO D 184 10.51 -11.47 21.21
N PRO D 185 9.93 -12.67 21.42
CA PRO D 185 8.49 -12.81 21.23
C PRO D 185 7.70 -12.24 22.39
N SER D 186 6.54 -11.65 22.08
CA SER D 186 5.54 -11.32 23.08
C SER D 186 4.71 -12.58 23.31
N THR D 187 4.45 -12.90 24.57
CA THR D 187 3.78 -14.17 24.89
C THR D 187 2.43 -13.96 25.60
N ARG D 188 1.45 -14.75 25.16
CA ARG D 188 0.05 -14.62 25.58
C ARG D 188 -0.60 -15.99 25.59
N VAL D 189 -1.43 -16.26 26.60
CA VAL D 189 -2.13 -17.54 26.70
C VAL D 189 -3.64 -17.36 26.48
N THR D 190 -4.26 -18.30 25.77
CA THR D 190 -5.69 -18.21 25.45
C THR D 190 -6.43 -19.49 25.83
N ARG D 191 -7.72 -19.32 26.17
CA ARG D 191 -8.56 -20.42 26.64
C ARG D 191 -9.83 -20.53 25.79
N HIS D 192 -9.89 -21.51 24.91
CA HIS D 192 -11.09 -21.70 24.12
C HIS D 192 -11.73 -23.00 24.57
N PRO D 193 -13.00 -22.85 25.17
CA PRO D 193 -13.54 -24.12 25.65
C PRO D 193 -14.22 -24.88 24.54
N ILE D 194 -13.70 -26.07 24.26
CA ILE D 194 -14.28 -26.94 23.27
C ILE D 194 -15.67 -27.43 23.68
N SER D 195 -15.79 -27.72 24.96
CA SER D 195 -16.94 -28.41 25.51
C SER D 195 -17.19 -27.91 26.92
N ASP D 196 -18.17 -28.48 27.59
CA ASP D 196 -18.37 -28.17 28.99
C ASP D 196 -17.11 -28.56 29.75
N HIS D 197 -16.54 -29.70 29.38
CA HIS D 197 -15.43 -30.29 30.12
C HIS D 197 -14.00 -30.09 29.59
N GLU D 198 -13.86 -29.64 28.34
CA GLU D 198 -12.53 -29.49 27.77
C GLU D 198 -12.29 -28.13 27.15
N VAL D 199 -11.08 -27.62 27.31
CA VAL D 199 -10.71 -26.34 26.73
C VAL D 199 -9.40 -26.43 25.99
N THR D 200 -9.26 -25.60 24.97
CA THR D 200 -8.03 -25.47 24.22
C THR D 200 -7.18 -24.38 24.85
N LEU D 201 -6.00 -24.75 25.33
CA LEU D 201 -5.05 -23.77 25.82
C LEU D 201 -4.01 -23.49 24.75
N ARG D 202 -4.09 -22.29 24.17
CA ARG D 202 -3.18 -21.89 23.11
C ARG D 202 -2.11 -20.95 23.66
N CYS D 203 -0.90 -21.07 23.11
CA CYS D 203 0.25 -20.29 23.56
C CYS D 203 0.82 -19.49 22.39
N TRP D 204 0.70 -18.16 22.48
CA TRP D 204 1.09 -17.27 21.38
C TRP D 204 2.50 -16.71 21.51
N ALA D 205 3.21 -16.67 20.39
CA ALA D 205 4.49 -15.99 20.28
C ALA D 205 4.42 -15.04 19.09
N LEU D 206 4.62 -13.74 19.36
CA LEU D 206 4.38 -12.70 18.35
C LEU D 206 5.53 -11.71 18.19
N GLY D 207 5.67 -11.17 16.99
CA GLY D 207 6.61 -10.09 16.69
C GLY D 207 8.08 -10.39 16.91
N PHE D 208 8.51 -11.60 16.57
CA PHE D 208 9.87 -12.03 16.83
C PHE D 208 10.69 -12.32 15.56
N TYR D 209 11.99 -12.11 15.69
CA TYR D 209 12.97 -12.33 14.63
C TYR D 209 14.31 -12.60 15.33
N PRO D 210 15.08 -13.61 14.89
CA PRO D 210 14.80 -14.44 13.71
C PRO D 210 13.61 -15.39 13.87
N ALA D 211 13.27 -16.10 12.79
CA ALA D 211 12.12 -16.98 12.77
C ALA D 211 12.23 -18.18 13.72
N GLU D 212 13.47 -18.60 14.00
CA GLU D 212 13.70 -19.82 14.78
C GLU D 212 13.24 -19.67 16.23
N ILE D 213 12.34 -20.56 16.63
CA ILE D 213 11.68 -20.49 17.94
C ILE D 213 11.18 -21.87 18.36
N THR D 214 11.02 -22.07 19.67
CA THR D 214 10.47 -23.30 20.20
C THR D 214 9.38 -23.01 21.24
N LEU D 215 8.25 -23.70 21.10
CA LEU D 215 7.15 -23.63 22.05
C LEU D 215 6.79 -25.05 22.51
N THR D 216 6.89 -25.30 23.81
CA THR D 216 6.61 -26.62 24.38
C THR D 216 5.58 -26.55 25.51
N TRP D 217 4.65 -27.48 25.51
CA TRP D 217 3.61 -27.53 26.54
C TRP D 217 3.91 -28.67 27.50
N GLN D 218 4.03 -28.35 28.77
CA GLN D 218 4.23 -29.36 29.78
C GLN D 218 3.34 -29.11 30.97
N ARG D 219 2.81 -30.18 31.54
CA ARG D 219 2.07 -30.07 32.79
C ARG D 219 2.94 -30.70 33.86
N ASP D 220 3.25 -29.91 34.88
CA ASP D 220 4.12 -30.37 35.95
C ASP D 220 5.45 -30.85 35.41
N GLY D 221 5.97 -30.16 34.39
CA GLY D 221 7.28 -30.45 33.84
C GLY D 221 7.41 -31.56 32.81
N GLU D 222 6.29 -32.09 32.36
CA GLU D 222 6.33 -33.11 31.32
C GLU D 222 5.61 -32.60 30.09
N ASP D 223 6.25 -32.72 28.92
CA ASP D 223 5.67 -32.20 27.70
C ASP D 223 4.77 -33.21 27.01
N GLN D 224 3.51 -32.84 26.93
CA GLN D 224 2.48 -33.65 26.26
C GLN D 224 2.57 -33.39 24.76
N THR D 225 3.57 -33.98 24.13
CA THR D 225 3.89 -33.71 22.72
C THR D 225 2.89 -34.33 21.74
N GLN D 226 2.22 -35.40 22.17
CA GLN D 226 1.18 -36.04 21.37
C GLN D 226 -0.16 -35.32 21.47
N ASP D 227 -0.35 -34.57 22.55
CA ASP D 227 -1.52 -33.71 22.72
C ASP D 227 -1.41 -32.46 21.87
N THR D 228 -0.18 -32.00 21.67
CA THR D 228 0.11 -30.69 21.07
C THR D 228 -0.46 -30.51 19.67
N GLU D 229 -0.92 -29.29 19.40
CA GLU D 229 -1.29 -28.85 18.06
C GLU D 229 -0.35 -27.72 17.68
N VAL D 230 0.53 -27.99 16.73
CA VAL D 230 1.48 -26.97 16.27
C VAL D 230 1.17 -26.58 14.82
N VAL D 231 1.36 -25.31 14.51
CA VAL D 231 1.31 -24.84 13.13
C VAL D 231 2.67 -24.27 12.74
N ASP D 232 2.96 -24.31 11.44
CA ASP D 232 4.19 -23.74 10.90
C ASP D 232 4.28 -22.26 11.23
N THR D 233 5.47 -21.82 11.63
CA THR D 233 5.72 -20.42 11.96
C THR D 233 5.48 -19.52 10.75
N ARG D 234 4.66 -18.49 10.97
CA ARG D 234 4.12 -17.65 9.92
C ARG D 234 4.65 -16.21 9.99
N PRO D 235 4.94 -15.60 8.83
CA PRO D 235 5.44 -14.23 8.83
C PRO D 235 4.32 -13.23 9.08
N ALA D 236 4.59 -12.22 9.90
CA ALA D 236 3.61 -11.16 10.15
C ALA D 236 3.48 -10.24 8.93
N GLY D 237 4.51 -10.22 8.09
CA GLY D 237 4.51 -9.39 6.89
C GLY D 237 5.42 -8.18 7.01
N ASP D 238 5.87 -7.90 8.22
CA ASP D 238 6.75 -6.76 8.51
C ASP D 238 8.19 -7.18 8.78
N GLY D 239 8.49 -8.46 8.54
CA GLY D 239 9.82 -9.01 8.82
C GLY D 239 9.84 -9.86 10.08
N THR D 240 8.82 -9.71 10.91
CA THR D 240 8.70 -10.49 12.14
C THR D 240 7.81 -11.71 11.93
N PHE D 241 7.77 -12.60 12.93
CA PHE D 241 7.11 -13.89 12.80
C PHE D 241 6.15 -14.19 13.94
N GLN D 242 5.29 -15.18 13.72
CA GLN D 242 4.31 -15.61 14.71
C GLN D 242 4.26 -17.14 14.76
N LYS D 243 3.96 -17.68 15.93
CA LYS D 243 3.79 -19.13 16.11
C LYS D 243 2.89 -19.41 17.31
N TRP D 244 2.13 -20.50 17.25
CA TRP D 244 1.35 -20.96 18.40
C TRP D 244 1.34 -22.47 18.60
N ALA D 245 1.27 -22.86 19.86
CA ALA D 245 1.11 -24.24 20.26
C ALA D 245 -0.13 -24.35 21.14
N ALA D 246 -1.04 -25.24 20.77
CA ALA D 246 -2.29 -25.44 21.52
C ALA D 246 -2.38 -26.83 22.13
N VAL D 247 -2.96 -26.91 23.33
CA VAL D 247 -3.08 -28.17 24.05
C VAL D 247 -4.50 -28.32 24.62
N VAL D 248 -5.03 -29.55 24.55
CA VAL D 248 -6.36 -29.85 25.07
C VAL D 248 -6.26 -30.30 26.53
N VAL D 249 -6.98 -29.59 27.39
CA VAL D 249 -6.93 -29.83 28.84
C VAL D 249 -8.34 -29.83 29.43
N PRO D 250 -8.55 -30.59 30.54
CA PRO D 250 -9.82 -30.53 31.27
C PRO D 250 -10.07 -29.17 31.92
N SER D 251 -11.34 -28.82 32.11
CA SER D 251 -11.76 -27.52 32.63
C SER D 251 -11.23 -27.19 34.02
N GLY D 252 -11.09 -28.23 34.86
CA GLY D 252 -10.64 -28.04 36.24
C GLY D 252 -9.17 -27.69 36.38
N GLN D 253 -8.37 -28.07 35.40
CA GLN D 253 -6.91 -28.00 35.49
C GLN D 253 -6.25 -27.19 34.38
N GLU D 254 -6.01 -25.91 34.64
CA GLU D 254 -5.25 -25.04 33.74
C GLU D 254 -3.90 -24.67 34.36
N GLN D 255 -3.89 -24.52 35.68
CA GLN D 255 -2.68 -24.19 36.41
C GLN D 255 -1.72 -25.38 36.52
N ARG D 256 -2.12 -26.48 35.88
CA ARG D 256 -1.30 -27.68 35.78
C ARG D 256 -0.31 -27.58 34.62
N TYR D 257 -0.77 -27.03 33.50
CA TYR D 257 0.01 -26.96 32.26
C TYR D 257 0.84 -25.68 32.16
N THR D 258 2.02 -25.81 31.56
CA THR D 258 2.93 -24.67 31.38
C THR D 258 3.55 -24.66 29.99
N CYS D 259 3.46 -23.51 29.33
CA CYS D 259 4.04 -23.30 28.02
C CYS D 259 5.42 -22.68 28.15
N HIS D 260 6.40 -23.24 27.45
CA HIS D 260 7.78 -22.78 27.55
C HIS D 260 8.31 -22.27 26.21
N VAL D 261 8.74 -21.00 26.22
CA VAL D 261 9.13 -20.30 25.00
C VAL D 261 10.65 -20.07 24.94
N GLN D 262 11.30 -20.69 23.96
CA GLN D 262 12.74 -20.53 23.77
C GLN D 262 13.08 -19.76 22.48
N HIS D 263 13.76 -18.63 22.66
CA HIS D 263 14.19 -17.76 21.57
C HIS D 263 15.46 -17.01 21.96
N GLU D 264 16.31 -16.74 20.97
CA GLU D 264 17.61 -16.09 21.21
C GLU D 264 17.53 -14.63 21.69
N GLY D 265 16.42 -13.96 21.35
CA GLY D 265 16.18 -12.58 21.77
C GLY D 265 15.76 -12.47 23.23
N LEU D 266 15.55 -13.61 23.86
CA LEU D 266 15.20 -13.68 25.28
C LEU D 266 16.42 -14.06 26.12
N ALA D 267 16.54 -13.44 27.29
CA ALA D 267 17.62 -13.73 28.23
C ALA D 267 17.51 -15.17 28.74
N GLU D 268 16.44 -15.44 29.48
CA GLU D 268 16.09 -16.78 29.89
C GLU D 268 14.80 -17.20 29.18
N PRO D 269 14.66 -18.50 28.85
CA PRO D 269 13.38 -19.03 28.38
C PRO D 269 12.22 -18.60 29.27
N VAL D 270 11.15 -18.08 28.66
CA VAL D 270 10.02 -17.52 29.42
C VAL D 270 8.97 -18.58 29.74
N THR D 271 8.51 -18.58 30.99
CA THR D 271 7.44 -19.46 31.43
C THR D 271 6.12 -18.67 31.48
N ARG D 272 5.22 -18.98 30.53
CA ARG D 272 3.91 -18.34 30.50
C ARG D 272 2.79 -19.34 30.78
N ARG D 273 1.83 -18.89 31.58
CA ARG D 273 0.73 -19.73 32.05
C ARG D 273 -0.57 -18.91 32.01
N TRP D 274 -1.68 -19.61 31.78
CA TRP D 274 -3.00 -18.97 31.78
C TRP D 274 -3.31 -18.34 33.13
N GLU D 275 -3.70 -17.07 33.08
CA GLU D 275 -4.01 -16.30 34.30
C GLU D 275 -5.51 -16.02 34.43
N MET E 1 6.24 -36.12 -8.91
CA MET E 1 5.03 -36.95 -8.64
C MET E 1 4.67 -37.04 -7.15
N VAL E 2 5.61 -36.68 -6.26
CA VAL E 2 5.32 -36.66 -4.82
C VAL E 2 4.58 -35.37 -4.45
N GLN E 3 3.48 -35.50 -3.75
CA GLN E 3 2.59 -34.38 -3.50
C GLN E 3 2.37 -34.10 -2.01
N HIS E 4 2.20 -32.82 -1.69
CA HIS E 4 1.89 -32.39 -0.35
C HIS E 4 0.78 -31.33 -0.37
N PRO E 5 -0.23 -31.49 0.51
CA PRO E 5 -1.33 -30.54 0.59
C PRO E 5 -0.88 -29.18 1.13
N PRO E 6 -1.66 -28.12 0.88
CA PRO E 6 -1.29 -26.83 1.46
C PRO E 6 -1.98 -26.59 2.80
N LYS E 7 -1.19 -26.21 3.80
CA LYS E 7 -1.74 -25.76 5.08
C LYS E 7 -1.96 -24.25 5.03
N ILE E 8 -3.18 -23.85 5.37
CA ILE E 8 -3.62 -22.47 5.18
C ILE E 8 -3.82 -21.75 6.52
N GLN E 9 -3.35 -20.51 6.59
CA GLN E 9 -3.50 -19.68 7.77
C GLN E 9 -3.89 -18.26 7.40
N VAL E 10 -4.99 -17.78 8.00
CA VAL E 10 -5.51 -16.43 7.74
C VAL E 10 -5.46 -15.63 9.03
N TYR E 11 -4.76 -14.50 8.98
CA TYR E 11 -4.49 -13.70 10.17
C TYR E 11 -4.10 -12.27 9.82
N SER E 12 -4.28 -11.36 10.78
CA SER E 12 -3.84 -9.99 10.62
C SER E 12 -2.41 -9.83 11.16
N ARG E 13 -1.71 -8.81 10.68
CA ARG E 13 -0.36 -8.50 11.15
C ARG E 13 -0.38 -8.18 12.64
N HIS E 14 -1.14 -7.15 13.01
CA HIS E 14 -1.30 -6.73 14.39
C HIS E 14 -2.65 -7.20 14.91
N PRO E 15 -2.81 -7.34 16.24
CA PRO E 15 -4.10 -7.77 16.79
C PRO E 15 -5.25 -6.89 16.30
N ALA E 16 -6.37 -7.53 15.97
CA ALA E 16 -7.49 -6.87 15.32
C ALA E 16 -8.24 -5.87 16.21
N GLU E 17 -8.33 -4.63 15.74
CA GLU E 17 -9.19 -3.62 16.33
C GLU E 17 -10.06 -3.01 15.24
N ASN E 18 -11.35 -2.95 15.50
CA ASN E 18 -12.32 -2.41 14.53
C ASN E 18 -12.12 -0.92 14.30
N GLY E 19 -12.07 -0.53 13.02
CA GLY E 19 -11.78 0.85 12.65
C GLY E 19 -10.29 1.05 12.42
N LYS E 20 -9.48 0.41 13.25
CA LYS E 20 -8.02 0.52 13.18
C LYS E 20 -7.43 -0.26 12.00
N PRO E 21 -6.72 0.46 11.10
CA PRO E 21 -6.18 -0.14 9.87
C PRO E 21 -5.20 -1.26 10.18
N ASN E 22 -5.14 -2.25 9.30
CA ASN E 22 -4.31 -3.43 9.52
C ASN E 22 -3.95 -4.14 8.21
N PHE E 23 -3.29 -5.29 8.33
CA PHE E 23 -2.84 -6.05 7.18
C PHE E 23 -3.36 -7.47 7.30
N LEU E 24 -4.00 -7.96 6.25
CA LEU E 24 -4.55 -9.33 6.23
C LEU E 24 -3.65 -10.27 5.44
N ASN E 25 -3.19 -11.33 6.11
CA ASN E 25 -2.29 -12.27 5.50
C ASN E 25 -2.97 -13.62 5.27
N CYS E 26 -2.69 -14.22 4.12
CA CYS E 26 -3.02 -15.62 3.89
C CYS E 26 -1.72 -16.37 3.68
N TYR E 27 -1.33 -17.16 4.68
CA TYR E 27 -0.07 -17.88 4.63
C TYR E 27 -0.28 -19.34 4.26
N VAL E 28 0.17 -19.69 3.07
CA VAL E 28 0.06 -21.05 2.56
C VAL E 28 1.46 -21.64 2.52
N SER E 29 1.67 -22.71 3.28
CA SER E 29 2.96 -23.37 3.38
C SER E 29 2.82 -24.89 3.24
N GLY E 30 3.96 -25.57 3.15
CA GLY E 30 3.99 -27.04 3.17
C GLY E 30 3.49 -27.74 1.92
N PHE E 31 3.36 -27.02 0.81
CA PHE E 31 2.75 -27.57 -0.40
C PHE E 31 3.71 -27.90 -1.53
N HIS E 32 3.35 -28.94 -2.28
CA HIS E 32 4.08 -29.38 -3.47
C HIS E 32 3.08 -30.14 -4.33
N PRO E 33 3.04 -29.92 -5.65
CA PRO E 33 3.96 -29.06 -6.40
C PRO E 33 3.72 -27.54 -6.22
N PRO E 34 4.62 -26.69 -6.74
CA PRO E 34 4.51 -25.24 -6.54
C PRO E 34 3.24 -24.58 -7.08
N GLU E 35 2.76 -25.02 -8.24
CA GLU E 35 1.63 -24.37 -8.92
C GLU E 35 0.37 -24.35 -8.06
N ILE E 36 0.01 -23.15 -7.60
CA ILE E 36 -1.07 -22.95 -6.64
C ILE E 36 -1.84 -21.64 -6.92
N GLU E 37 -3.10 -21.60 -6.49
CA GLU E 37 -3.93 -20.40 -6.64
C GLU E 37 -4.39 -19.89 -5.27
N ILE E 38 -3.99 -18.67 -4.93
CA ILE E 38 -4.36 -18.08 -3.65
C ILE E 38 -4.91 -16.66 -3.85
N ASP E 39 -6.15 -16.45 -3.42
CA ASP E 39 -6.79 -15.14 -3.45
C ASP E 39 -7.47 -14.83 -2.12
N LEU E 40 -7.24 -13.63 -1.60
CA LEU E 40 -7.98 -13.16 -0.44
C LEU E 40 -9.36 -12.65 -0.85
N LEU E 41 -10.37 -12.89 0.00
CA LEU E 41 -11.74 -12.58 -0.33
C LEU E 41 -12.42 -11.70 0.71
N LYS E 42 -13.06 -10.63 0.25
CA LYS E 42 -13.88 -9.77 1.09
C LYS E 42 -15.35 -9.99 0.72
N ASN E 43 -16.10 -10.57 1.65
CA ASN E 43 -17.49 -10.97 1.40
C ASN E 43 -17.63 -11.79 0.12
N GLY E 44 -16.87 -12.87 0.05
CA GLY E 44 -16.88 -13.80 -1.08
C GLY E 44 -16.24 -13.29 -2.36
N LYS E 45 -15.87 -12.01 -2.37
CA LYS E 45 -15.42 -11.34 -3.58
C LYS E 45 -13.90 -11.16 -3.62
N GLU E 46 -13.32 -11.32 -4.80
CA GLU E 46 -11.86 -11.26 -4.96
C GLU E 46 -11.27 -9.91 -4.62
N MET E 47 -10.26 -9.93 -3.74
CA MET E 47 -9.52 -8.74 -3.35
C MET E 47 -8.22 -8.64 -4.14
N LYS E 48 -7.80 -7.41 -4.41
CA LYS E 48 -6.47 -7.16 -4.94
C LYS E 48 -5.46 -7.32 -3.80
N ALA E 49 -4.46 -8.17 -4.03
CA ALA E 49 -3.46 -8.45 -3.00
C ALA E 49 -2.08 -8.69 -3.59
N GLU E 50 -1.06 -8.56 -2.74
CA GLU E 50 0.31 -8.83 -3.11
C GLU E 50 0.70 -10.21 -2.61
N GLN E 51 1.68 -10.83 -3.28
CA GLN E 51 2.21 -12.11 -2.81
C GLN E 51 3.73 -12.18 -2.85
N THR E 52 4.31 -12.81 -1.82
CA THR E 52 5.76 -12.97 -1.72
C THR E 52 6.26 -13.89 -2.84
N ASP E 53 7.52 -13.69 -3.23
CA ASP E 53 8.15 -14.53 -4.25
C ASP E 53 8.26 -15.97 -3.75
N LEU E 54 8.24 -16.91 -4.69
CA LEU E 54 8.22 -18.34 -4.37
C LEU E 54 9.49 -18.83 -3.67
N SER E 55 9.31 -19.56 -2.57
CA SER E 55 10.40 -20.11 -1.79
C SER E 55 9.99 -21.43 -1.13
N PHE E 56 10.96 -22.16 -0.59
CA PHE E 56 10.69 -23.46 0.05
C PHE E 56 11.45 -23.68 1.36
N SER E 57 11.04 -24.70 2.10
CA SER E 57 11.63 -25.03 3.39
C SER E 57 12.58 -26.23 3.25
N LYS E 58 13.19 -26.66 4.34
CA LYS E 58 14.09 -27.82 4.35
C LYS E 58 13.49 -29.08 3.72
N ASP E 59 12.21 -29.34 4.01
CA ASP E 59 11.49 -30.50 3.49
C ASP E 59 11.15 -30.35 2.01
N TRP E 60 11.56 -29.22 1.41
CA TRP E 60 11.35 -28.91 -0.01
C TRP E 60 9.95 -28.41 -0.36
N THR E 61 9.08 -28.33 0.64
CA THR E 61 7.72 -27.84 0.44
C THR E 61 7.68 -26.32 0.36
N PHE E 62 6.89 -25.80 -0.56
CA PHE E 62 6.83 -24.37 -0.84
C PHE E 62 6.00 -23.58 0.17
N TYR E 63 6.32 -22.29 0.30
CA TYR E 63 5.49 -21.37 1.08
C TYR E 63 5.30 -20.03 0.38
N LEU E 64 4.09 -19.51 0.48
CA LEU E 64 3.70 -18.23 -0.13
C LEU E 64 2.90 -17.39 0.86
N LEU E 65 3.10 -16.08 0.82
CA LEU E 65 2.28 -15.15 1.60
C LEU E 65 1.50 -14.17 0.73
N VAL E 66 0.17 -14.26 0.81
CA VAL E 66 -0.71 -13.30 0.16
C VAL E 66 -1.17 -12.27 1.20
N HIS E 67 -0.83 -11.01 0.96
CA HIS E 67 -1.12 -9.94 1.91
C HIS E 67 -1.71 -8.69 1.27
N THR E 68 -2.56 -8.01 2.02
CA THR E 68 -3.17 -6.75 1.61
C THR E 68 -3.54 -5.93 2.84
N GLU E 69 -3.96 -4.69 2.61
CA GLU E 69 -4.30 -3.78 3.70
C GLU E 69 -5.81 -3.69 3.86
N PHE E 70 -6.26 -3.95 5.08
CA PHE E 70 -7.69 -3.96 5.37
C PHE E 70 -7.99 -3.26 6.70
N THR E 71 -9.24 -2.83 6.86
CA THR E 71 -9.69 -2.32 8.14
C THR E 71 -10.70 -3.31 8.72
N PRO E 72 -10.30 -4.03 9.78
CA PRO E 72 -11.20 -4.90 10.52
C PRO E 72 -12.55 -4.23 10.80
N ASN E 73 -13.61 -4.82 10.25
CA ASN E 73 -14.97 -4.38 10.51
C ASN E 73 -15.70 -5.43 11.33
N GLU E 74 -16.68 -5.00 12.09
CA GLU E 74 -17.60 -5.93 12.74
C GLU E 74 -18.57 -6.49 11.69
N GLN E 75 -18.63 -5.83 10.53
CA GLN E 75 -19.56 -6.21 9.46
C GLN E 75 -18.96 -7.12 8.38
N ASP E 76 -17.79 -6.74 7.85
CA ASP E 76 -17.21 -7.40 6.68
C ASP E 76 -16.55 -8.75 6.97
N GLU E 77 -16.80 -9.72 6.09
CA GLU E 77 -16.22 -11.06 6.20
C GLU E 77 -15.02 -11.26 5.28
N PHE E 78 -13.93 -11.77 5.85
CA PHE E 78 -12.70 -12.03 5.11
C PHE E 78 -12.37 -13.52 5.12
N SER E 79 -11.99 -14.03 3.95
CA SER E 79 -11.65 -15.44 3.79
C SER E 79 -10.52 -15.58 2.78
N CYS E 80 -9.86 -16.73 2.80
CA CYS E 80 -8.83 -17.04 1.80
C CYS E 80 -9.27 -18.22 0.96
N ARG E 81 -9.00 -18.15 -0.34
CA ARG E 81 -9.30 -19.28 -1.23
C ARG E 81 -8.04 -19.85 -1.88
N VAL E 82 -7.80 -21.14 -1.63
CA VAL E 82 -6.65 -21.85 -2.18
C VAL E 82 -7.09 -23.00 -3.09
N LYS E 83 -6.50 -23.06 -4.27
CA LYS E 83 -6.67 -24.21 -5.16
C LYS E 83 -5.33 -24.87 -5.50
N HIS E 84 -5.29 -26.19 -5.35
CA HIS E 84 -4.09 -27.00 -5.58
C HIS E 84 -4.54 -28.30 -6.24
N VAL E 85 -3.60 -29.07 -6.77
CA VAL E 85 -3.91 -30.40 -7.33
C VAL E 85 -4.24 -31.39 -6.20
N THR E 86 -3.54 -31.22 -5.07
CA THR E 86 -3.75 -32.00 -3.86
C THR E 86 -5.18 -31.88 -3.33
N LEU E 87 -5.91 -30.90 -3.84
CA LEU E 87 -7.27 -30.61 -3.40
C LEU E 87 -8.30 -30.97 -4.47
N SER E 88 -9.32 -31.72 -4.07
CA SER E 88 -10.44 -32.09 -4.94
C SER E 88 -11.29 -30.87 -5.24
N GLU E 89 -11.44 -30.01 -4.24
CA GLU E 89 -12.17 -28.74 -4.36
C GLU E 89 -11.31 -27.59 -3.85
N PRO E 90 -11.57 -26.37 -4.34
CA PRO E 90 -10.90 -25.19 -3.77
C PRO E 90 -11.25 -25.04 -2.29
N GLN E 91 -10.23 -24.86 -1.45
CA GLN E 91 -10.43 -24.74 -0.01
C GLN E 91 -10.52 -23.29 0.47
N ILE E 92 -11.59 -23.00 1.21
CA ILE E 92 -11.85 -21.67 1.74
C ILE E 92 -11.73 -21.65 3.27
N VAL E 93 -10.67 -21.01 3.75
CA VAL E 93 -10.47 -20.79 5.18
C VAL E 93 -10.84 -19.35 5.51
N LYS E 94 -11.88 -19.18 6.33
CA LYS E 94 -12.33 -17.84 6.72
C LYS E 94 -11.52 -17.26 7.88
N TRP E 95 -11.51 -15.94 7.98
CA TRP E 95 -10.73 -15.25 9.00
C TRP E 95 -11.49 -15.06 10.30
N ASP E 96 -10.89 -15.57 11.38
CA ASP E 96 -11.41 -15.42 12.73
C ASP E 96 -10.35 -14.68 13.53
N ARG E 97 -10.69 -13.49 14.01
CA ARG E 97 -9.73 -12.64 14.72
C ARG E 97 -9.25 -13.25 16.04
N ASP E 98 -10.20 -13.85 16.78
CA ASP E 98 -9.91 -14.43 18.09
C ASP E 98 -8.71 -15.34 18.03
N ASN E 99 -8.84 -16.45 17.30
CA ASN E 99 -7.76 -17.44 17.12
C ASN E 99 -7.09 -17.96 18.40
N ARG F 1 26.53 -12.92 -3.30
CA ARG F 1 26.87 -13.29 -4.71
C ARG F 1 26.48 -14.74 -4.96
N THR F 2 25.52 -14.95 -5.86
CA THR F 2 25.13 -16.31 -6.27
C THR F 2 26.31 -17.01 -6.93
N ILE F 3 26.29 -18.34 -6.90
CA ILE F 3 27.39 -19.15 -7.45
C ILE F 3 27.51 -19.02 -8.96
N SER F 4 28.73 -18.73 -9.41
CA SER F 4 29.05 -18.49 -10.81
C SER F 4 28.54 -19.59 -11.74
N TYR F 5 28.85 -20.85 -11.40
CA TYR F 5 28.57 -21.98 -12.27
C TYR F 5 27.96 -23.18 -11.54
N THR F 6 26.88 -23.71 -12.11
CA THR F 6 26.25 -24.93 -11.62
C THR F 6 26.53 -26.07 -12.60
N TYR F 7 26.83 -27.25 -12.06
CA TYR F 7 27.17 -28.41 -12.89
C TYR F 7 25.92 -29.14 -13.39
N PRO F 8 25.94 -29.66 -14.63
CA PRO F 8 24.75 -30.32 -15.14
C PRO F 8 24.50 -31.69 -14.51
N PHE F 9 23.27 -32.17 -14.61
CA PHE F 9 22.89 -33.49 -14.11
C PHE F 9 23.19 -34.60 -15.12
#